data_9DFG
#
_entry.id   9DFG
#
_cell.length_a   142.011
_cell.length_b   122.520
_cell.length_c   66.739
_cell.angle_alpha   90.00
_cell.angle_beta   94.64
_cell.angle_gamma   90.00
#
_symmetry.space_group_name_H-M   'C 1 2 1'
#
loop_
_entity.id
_entity.type
_entity.pdbx_description
1 polymer PrnB
2 non-polymer GLYCEROL
3 non-polymer 'PROTOPORPHYRIN IX CONTAINING FE'
4 non-polymer 7-CHLOROTRYPTOPHAN
5 water water
#
_entity_poly.entity_id   1
_entity_poly.type   'polypeptide(L)'
_entity_poly.pdbx_seq_one_letter_code
;MGSSHHHHHHSSGENLYFQGMISNEISKLDPLNLDAFFNQLPSLNQNLEVSLLIDKLREITKSYLPTTFSINDALAATRD
LGMIMSSVRKLGIQPVSAVSDLEVFLETLSEITNMVPRETSYHYGPWNPIGERERRFTHFPDERGLIEGVRIAIPGIELA
IREINQLSNLSLNDPAFESLAKSAALHVYQAVDGIGETIKKTDPYVFSHELRPFFDPIRIGGKSYIGAGGGQIPLFVVDV
KLWLGNHSPNSEYVSFIKDSVFYLPPELRPICVDSLLEPSVINQKFAEFGSVEITDQVIKGMESLLSVIQVLLKFRKPHF
QLAQRTLSKENRGNYTTGSAGYTNSFNHMVLEFTIEVEKQIRAVLAPYRS
;
_entity_poly.pdbx_strand_id   A,B
#
# COMPACT_ATOMS: atom_id res chain seq x y z
N GLY A 20 17.74 14.39 32.33
CA GLY A 20 18.76 14.21 31.32
C GLY A 20 19.07 12.75 31.03
N MET A 21 18.96 12.35 29.75
CA MET A 21 19.23 11.00 29.28
C MET A 21 20.64 10.94 28.67
N ILE A 22 21.62 10.49 29.47
CA ILE A 22 22.98 10.33 28.95
C ILE A 22 23.00 9.23 27.91
N SER A 23 23.46 9.57 26.70
CA SER A 23 23.42 8.63 25.58
C SER A 23 24.33 7.42 25.81
N ASN A 24 25.53 7.65 26.36
CA ASN A 24 26.51 6.59 26.52
C ASN A 24 26.00 5.49 27.43
N GLU A 25 25.20 5.86 28.43
CA GLU A 25 24.62 4.89 29.35
C GLU A 25 23.51 4.07 28.70
N ILE A 26 22.96 4.53 27.57
CA ILE A 26 21.90 3.82 26.86
C ILE A 26 22.46 3.04 25.67
N SER A 27 23.34 3.67 24.88
CA SER A 27 23.89 3.02 23.71
C SER A 27 24.64 1.75 24.07
N LYS A 28 25.23 1.67 25.26
CA LYS A 28 26.01 0.49 25.66
C LYS A 28 25.16 -0.68 26.13
N LEU A 29 23.85 -0.51 26.30
CA LEU A 29 23.00 -1.55 26.84
C LEU A 29 22.49 -2.49 25.74
N ASP A 30 22.26 -3.73 26.11
CA ASP A 30 21.59 -4.70 25.24
C ASP A 30 20.67 -5.52 26.14
N PRO A 31 19.58 -4.91 26.63
CA PRO A 31 18.78 -5.55 27.67
C PRO A 31 18.02 -6.79 27.19
N LEU A 32 17.75 -6.90 25.90
CA LEU A 32 17.08 -8.06 25.33
C LEU A 32 18.04 -9.01 24.64
N ASN A 33 19.34 -8.84 24.84
CA ASN A 33 20.33 -9.78 24.31
C ASN A 33 20.14 -9.98 22.80
N LEU A 34 20.13 -8.87 22.06
CA LEU A 34 19.84 -8.88 20.64
C LEU A 34 21.05 -8.52 19.79
N ASP A 35 22.23 -8.41 20.39
CA ASP A 35 23.41 -8.00 19.64
C ASP A 35 23.70 -8.96 18.48
N ALA A 36 23.57 -10.27 18.71
CA ALA A 36 23.80 -11.21 17.61
C ALA A 36 22.72 -11.08 16.56
N PHE A 37 21.47 -10.96 16.98
CA PHE A 37 20.36 -10.78 16.04
C PHE A 37 20.57 -9.54 15.17
N PHE A 38 21.06 -8.45 15.74
CA PHE A 38 21.21 -7.25 14.91
C PHE A 38 22.38 -7.34 13.91
N ASN A 39 23.29 -8.31 14.06
CA ASN A 39 24.23 -8.55 12.99
C ASN A 39 23.59 -9.32 11.83
N GLN A 40 22.55 -10.11 12.12
CA GLN A 40 21.76 -10.82 11.11
C GLN A 40 20.71 -9.93 10.45
N LEU A 41 20.13 -8.99 11.19
CA LEU A 41 18.96 -8.26 10.69
C LEU A 41 19.10 -7.71 9.27
N PRO A 42 20.21 -7.10 8.86
CA PRO A 42 20.28 -6.60 7.47
C PRO A 42 20.08 -7.70 6.43
N SER A 43 20.56 -8.91 6.73
CA SER A 43 20.37 -10.03 5.82
C SER A 43 18.94 -10.59 5.91
N LEU A 44 18.37 -10.69 7.12
CA LEU A 44 16.97 -11.06 7.25
C LEU A 44 16.06 -10.10 6.49
N ASN A 45 16.33 -8.80 6.55
CA ASN A 45 15.48 -7.87 5.82
C ASN A 45 15.69 -7.99 4.33
N GLN A 46 16.91 -8.31 3.91
CA GLN A 46 17.18 -8.47 2.48
C GLN A 46 16.44 -9.66 1.90
N ASN A 47 16.34 -10.76 2.64
CA ASN A 47 15.68 -11.98 2.18
C ASN A 47 14.22 -12.05 2.59
N LEU A 48 13.63 -10.94 3.04
CA LEU A 48 12.24 -10.87 3.53
C LEU A 48 11.86 -12.03 4.44
N GLU A 49 12.66 -12.25 5.47
CA GLU A 49 12.42 -13.40 6.34
C GLU A 49 11.54 -12.98 7.52
N VAL A 50 10.30 -12.66 7.17
CA VAL A 50 9.32 -12.22 8.13
C VAL A 50 9.05 -13.27 9.22
N SER A 51 9.26 -14.57 8.95
CA SER A 51 8.99 -15.55 10.01
C SER A 51 9.97 -15.39 11.15
N LEU A 52 11.23 -15.14 10.83
CA LEU A 52 12.25 -14.96 11.85
C LEU A 52 12.03 -13.67 12.64
N LEU A 53 11.60 -12.59 11.96
CA LEU A 53 11.27 -11.36 12.67
C LEU A 53 10.13 -11.57 13.66
N ILE A 54 9.03 -12.18 13.20
CA ILE A 54 7.87 -12.40 14.06
C ILE A 54 8.21 -13.35 15.18
N ASP A 55 9.00 -14.39 14.88
CA ASP A 55 9.41 -15.33 15.92
C ASP A 55 10.23 -14.64 17.01
N LYS A 56 11.04 -13.66 16.63
CA LYS A 56 11.86 -12.96 17.62
C LYS A 56 10.99 -12.09 18.52
N LEU A 57 10.05 -11.35 17.93
CA LEU A 57 9.05 -10.64 18.73
C LEU A 57 8.33 -11.57 19.69
N ARG A 58 7.99 -12.79 19.25
CA ARG A 58 7.29 -13.68 20.16
C ARG A 58 8.21 -14.14 21.28
N GLU A 59 9.46 -14.49 20.95
CA GLU A 59 10.41 -14.89 21.96
C GLU A 59 10.65 -13.78 22.97
N ILE A 60 10.68 -12.53 22.51
CA ILE A 60 10.93 -11.42 23.41
C ILE A 60 9.81 -11.30 24.44
N THR A 61 8.55 -11.40 24.00
CA THR A 61 7.46 -11.20 24.95
C THR A 61 7.40 -12.31 25.99
N LYS A 62 7.99 -13.47 25.71
CA LYS A 62 7.98 -14.58 26.65
C LYS A 62 9.25 -14.69 27.46
N SER A 63 10.32 -14.01 27.05
CA SER A 63 11.61 -14.16 27.67
C SER A 63 11.93 -13.06 28.67
N TYR A 64 11.11 -12.01 28.75
CA TYR A 64 11.51 -10.80 29.47
C TYR A 64 10.33 -10.24 30.24
N LEU A 65 10.56 -9.96 31.52
CA LEU A 65 9.60 -9.26 32.37
C LEU A 65 9.95 -7.77 32.30
N PRO A 66 9.36 -7.02 31.36
CA PRO A 66 9.81 -5.63 31.16
C PRO A 66 9.52 -4.76 32.37
N THR A 67 8.50 -5.11 33.16
CA THR A 67 8.23 -4.34 34.37
C THR A 67 9.44 -4.29 35.29
N THR A 68 10.39 -5.21 35.15
CA THR A 68 11.59 -5.26 35.99
C THR A 68 12.72 -4.38 35.47
N PHE A 69 12.50 -3.60 34.41
CA PHE A 69 13.59 -2.87 33.77
C PHE A 69 13.80 -1.51 34.43
N SER A 70 15.05 -1.05 34.42
CA SER A 70 15.37 0.34 34.74
C SER A 70 14.97 1.24 33.58
N ILE A 71 15.13 2.55 33.76
CA ILE A 71 14.78 3.47 32.69
C ILE A 71 15.72 3.32 31.50
N ASN A 72 17.03 3.29 31.75
CA ASN A 72 17.98 3.10 30.66
C ASN A 72 17.70 1.81 29.89
N ASP A 73 17.44 0.71 30.62
CA ASP A 73 17.09 -0.55 29.98
C ASP A 73 15.84 -0.41 29.12
N ALA A 74 14.82 0.31 29.60
CA ALA A 74 13.59 0.42 28.84
C ALA A 74 13.78 1.30 27.61
N LEU A 75 14.67 2.28 27.67
CA LEU A 75 14.95 3.10 26.48
C LEU A 75 15.71 2.29 25.43
N ALA A 76 16.72 1.54 25.85
CA ALA A 76 17.42 0.68 24.91
C ALA A 76 16.49 -0.40 24.35
N ALA A 77 15.61 -0.97 25.20
CA ALA A 77 14.66 -1.97 24.72
C ALA A 77 13.71 -1.37 23.69
N THR A 78 13.21 -0.18 23.94
CA THR A 78 12.41 0.52 22.93
C THR A 78 13.19 0.68 21.64
N ARG A 79 14.48 1.03 21.75
CA ARG A 79 15.28 1.15 20.56
C ARG A 79 15.34 -0.17 19.80
N ASP A 80 15.65 -1.25 20.51
CA ASP A 80 15.86 -2.52 19.83
C ASP A 80 14.54 -3.14 19.36
N LEU A 81 13.56 -3.22 20.25
CA LEU A 81 12.27 -3.77 19.85
C LEU A 81 11.63 -2.91 18.77
N GLY A 82 11.83 -1.59 18.82
CA GLY A 82 11.26 -0.74 17.80
C GLY A 82 11.79 -1.04 16.41
N MET A 83 13.08 -1.34 16.31
CA MET A 83 13.62 -1.61 14.98
C MET A 83 13.14 -2.94 14.43
N ILE A 84 13.05 -3.97 15.27
CA ILE A 84 12.44 -5.20 14.79
C ILE A 84 11.00 -4.95 14.33
N MET A 85 10.24 -4.16 15.10
CA MET A 85 8.87 -3.85 14.72
C MET A 85 8.80 -3.13 13.38
N SER A 86 9.66 -2.13 13.19
CA SER A 86 9.66 -1.37 11.94
C SER A 86 10.04 -2.24 10.75
N SER A 87 10.91 -3.23 10.97
CA SER A 87 11.21 -4.18 9.92
C SER A 87 9.95 -4.94 9.50
N VAL A 88 9.17 -5.43 10.47
CA VAL A 88 7.95 -6.14 10.14
C VAL A 88 6.96 -5.24 9.40
N ARG A 89 6.76 -4.03 9.93
CA ARG A 89 5.86 -3.08 9.28
C ARG A 89 6.31 -2.78 7.86
N LYS A 90 7.62 -2.82 7.61
CA LYS A 90 8.12 -2.51 6.29
C LYS A 90 7.60 -3.51 5.26
N LEU A 91 7.35 -4.75 5.68
CA LEU A 91 6.78 -5.77 4.82
C LEU A 91 5.29 -5.63 4.61
N GLY A 92 4.63 -4.70 5.30
CA GLY A 92 3.20 -4.49 5.14
C GLY A 92 2.35 -5.09 6.23
N ILE A 93 2.97 -5.65 7.27
CA ILE A 93 2.27 -6.31 8.38
C ILE A 93 2.31 -5.40 9.60
N GLN A 94 1.14 -5.11 10.16
CA GLN A 94 1.10 -4.45 11.46
C GLN A 94 1.64 -5.38 12.54
N PRO A 95 2.79 -5.07 13.16
CA PRO A 95 3.43 -6.07 14.04
C PRO A 95 2.68 -6.36 15.34
N VAL A 96 1.96 -5.38 15.89
CA VAL A 96 1.17 -5.60 17.11
C VAL A 96 -0.10 -6.41 16.84
N SER A 97 -0.64 -6.33 15.62
CA SER A 97 -1.75 -7.22 15.25
C SER A 97 -1.28 -8.67 15.08
N ALA A 98 -0.02 -8.87 14.68
CA ALA A 98 0.49 -10.20 14.44
C ALA A 98 0.98 -10.88 15.70
N VAL A 99 1.50 -10.09 16.64
CA VAL A 99 2.01 -10.57 17.91
C VAL A 99 1.26 -9.80 18.98
N SER A 100 0.02 -10.22 19.28
CA SER A 100 -0.85 -9.36 20.07
C SER A 100 -0.35 -9.16 21.51
N ASP A 101 0.47 -10.09 22.04
CA ASP A 101 1.13 -9.89 23.34
C ASP A 101 2.13 -8.75 23.35
N LEU A 102 2.50 -8.20 22.18
CA LEU A 102 3.37 -7.03 22.15
C LEU A 102 2.74 -5.83 22.85
N GLU A 103 1.41 -5.73 22.83
CA GLU A 103 0.78 -4.51 23.30
C GLU A 103 1.00 -4.32 24.79
N VAL A 104 0.84 -5.37 25.58
CA VAL A 104 1.09 -5.25 27.01
C VAL A 104 2.56 -4.97 27.25
N PHE A 105 3.43 -5.66 26.53
CA PHE A 105 4.86 -5.42 26.63
C PHE A 105 5.20 -3.96 26.34
N LEU A 106 4.72 -3.45 25.21
CA LEU A 106 5.06 -2.07 24.83
C LEU A 106 4.47 -1.09 25.82
N GLU A 107 3.27 -1.39 26.33
CA GLU A 107 2.61 -0.51 27.29
C GLU A 107 3.41 -0.45 28.60
N THR A 108 3.90 -1.59 29.07
CA THR A 108 4.76 -1.59 30.25
C THR A 108 6.04 -0.76 30.00
N LEU A 109 6.65 -0.91 28.82
CA LEU A 109 7.88 -0.19 28.52
C LEU A 109 7.64 1.32 28.49
N SER A 110 6.51 1.75 27.93
CA SER A 110 6.28 3.18 27.84
C SER A 110 5.80 3.77 29.16
N GLU A 111 5.37 2.94 30.11
CA GLU A 111 5.13 3.43 31.46
C GLU A 111 6.44 3.84 32.12
N ILE A 112 7.52 3.10 31.87
CA ILE A 112 8.80 3.38 32.50
C ILE A 112 9.54 4.50 31.78
N THR A 113 9.49 4.52 30.45
CA THR A 113 10.15 5.59 29.72
C THR A 113 9.33 6.88 29.68
N ASN A 114 8.01 6.80 29.87
CA ASN A 114 7.09 7.91 29.61
CA ASN A 114 7.14 7.94 29.64
C ASN A 114 7.34 8.52 28.24
N MET A 115 7.71 7.67 27.29
CA MET A 115 7.86 8.01 25.88
C MET A 115 6.94 7.10 25.06
N VAL A 116 6.75 7.45 23.79
CA VAL A 116 5.89 6.65 22.91
C VAL A 116 6.37 5.21 22.87
N PRO A 117 5.46 4.23 22.65
CA PRO A 117 5.84 2.81 22.58
C PRO A 117 6.50 2.39 21.25
N ARG A 118 7.49 3.15 20.83
CA ARG A 118 8.04 3.08 19.47
C ARG A 118 9.36 3.84 19.47
N GLU A 119 10.27 3.44 18.60
CA GLU A 119 11.55 4.15 18.53
C GLU A 119 11.43 5.46 17.76
N THR A 120 12.27 6.42 18.13
CA THR A 120 12.38 7.72 17.47
C THR A 120 13.83 7.93 17.01
N SER A 121 14.05 9.08 16.37
CA SER A 121 15.39 9.49 15.98
C SER A 121 16.38 9.38 17.14
N TYR A 122 15.94 9.67 18.36
CA TYR A 122 16.84 9.53 19.50
C TYR A 122 17.38 8.12 19.61
N HIS A 123 16.51 7.12 19.42
CA HIS A 123 16.93 5.73 19.55
C HIS A 123 17.84 5.33 18.42
N TYR A 124 17.60 5.90 17.23
CA TYR A 124 18.29 5.51 16.01
C TYR A 124 19.65 6.18 15.89
N GLY A 125 19.83 7.34 16.53
CA GLY A 125 21.06 8.10 16.43
C GLY A 125 21.89 8.09 17.71
N PRO A 126 21.67 9.06 18.59
CA PRO A 126 22.50 9.16 19.81
C PRO A 126 22.41 7.97 20.75
N TRP A 127 21.26 7.30 20.84
CA TRP A 127 21.17 6.11 21.68
C TRP A 127 21.58 4.83 20.95
N ASN A 128 21.98 4.92 19.69
CA ASN A 128 22.37 3.76 18.88
C ASN A 128 23.88 3.64 18.91
N PRO A 129 24.47 2.52 19.36
CA PRO A 129 25.93 2.48 19.56
C PRO A 129 26.73 2.65 18.27
N ILE A 130 27.95 3.16 18.41
CA ILE A 130 28.89 3.26 17.31
C ILE A 130 29.66 1.95 17.19
N GLY A 131 30.06 1.61 15.97
CA GLY A 131 30.89 0.44 15.78
C GLY A 131 30.14 -0.85 15.45
N GLU A 132 30.68 -1.99 15.92
CA GLU A 132 30.13 -3.30 15.56
C GLU A 132 28.68 -3.45 15.99
N ARG A 133 28.29 -2.86 17.12
CA ARG A 133 26.97 -3.07 17.69
C ARG A 133 25.91 -2.15 17.09
N GLU A 134 26.29 -1.25 16.19
CA GLU A 134 25.34 -0.31 15.62
C GLU A 134 24.15 -1.04 15.04
N ARG A 135 22.94 -0.69 15.48
CA ARG A 135 21.73 -1.30 14.96
C ARG A 135 21.39 -0.69 13.61
N ARG A 136 21.11 -1.54 12.63
CA ARG A 136 20.86 -1.06 11.29
C ARG A 136 19.85 -1.96 10.61
N PHE A 137 18.96 -1.34 9.83
CA PHE A 137 17.96 -2.04 9.05
C PHE A 137 18.59 -2.75 7.85
N THR A 138 19.50 -2.09 7.16
CA THR A 138 19.98 -2.57 5.87
C THR A 138 21.48 -2.77 5.88
N HIS A 139 21.97 -3.33 4.77
CA HIS A 139 23.39 -3.42 4.47
C HIS A 139 23.87 -2.23 3.65
N PHE A 140 22.96 -1.37 3.18
CA PHE A 140 23.36 -0.23 2.37
C PHE A 140 24.11 0.79 3.22
N PRO A 141 25.25 1.29 2.75
CA PRO A 141 25.97 2.32 3.52
C PRO A 141 25.29 3.68 3.46
N ASP A 142 24.36 3.91 2.52
CA ASP A 142 23.55 5.12 2.58
C ASP A 142 22.83 5.24 3.91
N GLU A 143 22.55 4.11 4.58
CA GLU A 143 21.89 4.16 5.87
C GLU A 143 22.75 4.89 6.88
N ARG A 144 24.07 4.74 6.82
CA ARG A 144 24.95 5.46 7.75
C ARG A 144 24.71 6.95 7.68
N GLY A 145 24.30 7.46 6.52
CA GLY A 145 24.05 8.88 6.40
C GLY A 145 22.91 9.37 7.26
N LEU A 146 21.87 8.55 7.44
CA LEU A 146 20.78 8.95 8.32
C LEU A 146 21.21 8.84 9.77
N ILE A 147 21.89 7.75 10.12
CA ILE A 147 22.26 7.54 11.51
C ILE A 147 23.24 8.61 11.98
N GLU A 148 24.32 8.85 11.22
CA GLU A 148 25.26 9.87 11.62
C GLU A 148 24.62 11.23 11.59
N GLY A 149 23.68 11.45 10.66
CA GLY A 149 23.00 12.73 10.61
C GLY A 149 22.34 13.12 11.93
N VAL A 150 21.50 12.25 12.46
CA VAL A 150 20.81 12.59 13.71
C VAL A 150 21.71 12.38 14.90
N ARG A 151 22.65 11.43 14.84
CA ARG A 151 23.53 11.23 15.98
C ARG A 151 24.40 12.45 16.24
N ILE A 152 24.74 13.20 15.19
CA ILE A 152 25.49 14.44 15.36
C ILE A 152 24.55 15.58 15.71
N ALA A 153 23.42 15.67 15.02
CA ALA A 153 22.54 16.83 15.17
C ALA A 153 21.99 16.95 16.58
N ILE A 154 21.49 15.83 17.14
CA ILE A 154 20.67 15.92 18.35
C ILE A 154 21.44 16.49 19.53
N PRO A 155 22.63 16.01 19.88
CA PRO A 155 23.29 16.58 21.08
C PRO A 155 23.58 18.06 20.97
N GLY A 156 24.01 18.51 19.80
CA GLY A 156 24.27 19.93 19.62
C GLY A 156 23.02 20.78 19.71
N ILE A 157 21.91 20.31 19.14
CA ILE A 157 20.66 21.07 19.25
C ILE A 157 20.20 21.13 20.70
N GLU A 158 20.44 20.07 21.46
CA GLU A 158 20.04 20.06 22.85
C GLU A 158 20.83 21.07 23.66
N LEU A 159 22.14 21.18 23.41
CA LEU A 159 22.93 22.23 24.07
C LEU A 159 22.43 23.61 23.65
N ALA A 160 22.09 23.80 22.39
CA ALA A 160 21.60 25.11 21.96
C ALA A 160 20.27 25.45 22.61
N ILE A 161 19.45 24.45 22.95
CA ILE A 161 18.18 24.73 23.62
C ILE A 161 18.44 25.29 25.02
N ARG A 162 19.33 24.64 25.77
CA ARG A 162 19.69 25.13 27.11
C ARG A 162 20.23 26.54 27.06
N GLU A 163 20.97 26.89 26.02
CA GLU A 163 21.60 28.20 25.99
C GLU A 163 20.61 29.27 25.52
N ILE A 164 19.82 28.96 24.48
CA ILE A 164 18.82 29.92 24.02
C ILE A 164 17.79 30.20 25.10
N ASN A 165 17.49 29.20 25.93
CA ASN A 165 16.53 29.40 27.02
C ASN A 165 17.00 30.46 28.03
N GLN A 166 18.31 30.60 28.23
CA GLN A 166 18.82 31.62 29.14
C GLN A 166 18.77 33.04 28.57
N LEU A 167 18.62 33.19 27.24
CA LEU A 167 18.67 34.51 26.64
C LEU A 167 17.50 35.37 27.09
N SER A 168 16.34 34.77 27.34
CA SER A 168 15.16 35.55 27.72
C SER A 168 15.44 36.41 28.94
N ASN A 169 16.36 35.99 29.80
CA ASN A 169 16.61 36.68 31.05
C ASN A 169 17.95 37.42 31.08
N LEU A 170 18.48 37.81 29.92
CA LEU A 170 19.66 38.64 29.86
C LEU A 170 19.38 39.91 29.06
N SER A 171 20.13 40.97 29.36
CA SER A 171 20.02 42.20 28.62
C SER A 171 20.87 42.16 27.36
N LEU A 172 20.35 42.75 26.29
CA LEU A 172 21.12 42.88 25.06
C LEU A 172 22.47 43.54 25.34
N ASN A 173 22.50 44.49 26.27
CA ASN A 173 23.71 45.22 26.63
C ASN A 173 24.68 44.41 27.49
N ASP A 174 24.29 43.20 27.89
CA ASP A 174 25.18 42.34 28.66
C ASP A 174 26.02 41.51 27.70
N PRO A 175 27.35 41.53 27.80
CA PRO A 175 28.16 40.64 26.94
C PRO A 175 27.89 39.16 27.17
N ALA A 176 27.31 38.79 28.32
CA ALA A 176 26.89 37.40 28.52
C ALA A 176 25.82 36.98 27.52
N PHE A 177 24.96 37.92 27.11
CA PHE A 177 23.96 37.61 26.08
C PHE A 177 24.63 37.19 24.79
N GLU A 178 25.40 38.11 24.18
CA GLU A 178 26.11 37.81 22.95
C GLU A 178 26.91 36.52 23.05
N SER A 179 27.57 36.30 24.19
CA SER A 179 28.39 35.10 24.31
C SER A 179 27.54 33.83 24.32
N LEU A 180 26.36 33.86 24.95
CA LEU A 180 25.51 32.67 24.94
C LEU A 180 24.96 32.40 23.55
N ALA A 181 24.48 33.44 22.85
CA ALA A 181 23.97 33.26 21.50
C ALA A 181 25.04 32.70 20.57
N LYS A 182 26.29 33.16 20.72
CA LYS A 182 27.37 32.63 19.88
C LYS A 182 27.58 31.15 20.14
N SER A 183 27.61 30.77 21.42
CA SER A 183 27.67 29.36 21.79
C SER A 183 26.52 28.56 21.18
N ALA A 184 25.30 29.11 21.21
CA ALA A 184 24.16 28.43 20.61
C ALA A 184 24.32 28.28 19.11
N ALA A 185 24.83 29.32 18.43
CA ALA A 185 25.10 29.20 17.00
C ALA A 185 26.13 28.11 16.73
N LEU A 186 27.17 28.03 17.55
CA LEU A 186 28.17 26.98 17.38
C LEU A 186 27.56 25.60 17.52
N HIS A 187 26.67 25.44 18.51
CA HIS A 187 26.05 24.14 18.76
C HIS A 187 25.02 23.79 17.70
N VAL A 188 24.27 24.78 17.19
CA VAL A 188 23.38 24.49 16.08
C VAL A 188 24.15 24.04 14.84
N TYR A 189 25.40 24.50 14.68
CA TYR A 189 26.21 24.07 13.53
C TYR A 189 26.33 22.57 13.46
N GLN A 190 26.18 21.89 14.59
CA GLN A 190 26.15 20.44 14.58
C GLN A 190 25.02 19.89 13.73
N ALA A 191 23.90 20.60 13.65
CA ALA A 191 22.86 20.19 12.71
C ALA A 191 23.33 20.36 11.27
N VAL A 192 24.11 21.41 10.99
CA VAL A 192 24.65 21.58 9.65
C VAL A 192 25.63 20.46 9.33
N ASP A 193 26.54 20.15 10.27
CA ASP A 193 27.44 19.02 10.05
C ASP A 193 26.68 17.72 9.88
N GLY A 194 25.53 17.59 10.56
CA GLY A 194 24.77 16.38 10.46
C GLY A 194 24.17 16.18 9.09
N ILE A 195 23.51 17.21 8.56
CA ILE A 195 22.87 17.07 7.26
C ILE A 195 23.91 17.00 6.15
N GLY A 196 25.09 17.59 6.34
CA GLY A 196 26.14 17.44 5.36
C GLY A 196 26.67 16.01 5.31
N GLU A 197 26.75 15.34 6.47
CA GLU A 197 27.06 13.92 6.45
C GLU A 197 26.02 13.13 5.67
N THR A 198 24.75 13.55 5.76
CA THR A 198 23.73 12.83 5.01
C THR A 198 23.86 13.11 3.52
N ILE A 199 24.05 14.37 3.14
CA ILE A 199 24.12 14.71 1.72
C ILE A 199 25.24 13.94 1.03
N LYS A 200 26.35 13.73 1.73
CA LYS A 200 27.49 13.04 1.12
C LYS A 200 27.47 11.52 1.24
N LYS A 201 26.61 10.92 2.09
CA LYS A 201 26.55 9.47 2.16
C LYS A 201 25.25 8.85 1.65
N THR A 202 24.15 9.59 1.60
CA THR A 202 22.86 9.00 1.31
C THR A 202 22.44 9.39 -0.09
N ASP A 203 22.42 8.41 -0.97
CA ASP A 203 21.88 8.64 -2.30
C ASP A 203 20.37 8.82 -2.21
N PRO A 204 19.81 9.86 -2.83
CA PRO A 204 18.36 10.06 -2.76
C PRO A 204 17.55 8.87 -3.26
N TYR A 205 18.00 8.20 -4.33
CA TYR A 205 17.24 7.08 -4.88
C TYR A 205 17.29 5.86 -3.96
N VAL A 206 18.46 5.56 -3.40
CA VAL A 206 18.55 4.47 -2.44
C VAL A 206 17.70 4.78 -1.20
N PHE A 207 17.68 6.04 -0.76
CA PHE A 207 16.78 6.39 0.34
C PHE A 207 15.35 5.96 0.06
N SER A 208 14.76 6.48 -1.02
CA SER A 208 13.34 6.26 -1.28
C SER A 208 13.03 4.79 -1.44
N HIS A 209 13.95 4.02 -2.01
CA HIS A 209 13.63 2.64 -2.35
C HIS A 209 14.08 1.64 -1.30
N GLU A 210 15.06 1.98 -0.50
CA GLU A 210 15.60 1.04 0.47
C GLU A 210 15.44 1.47 1.93
N LEU A 211 15.36 2.77 2.23
CA LEU A 211 15.43 3.22 3.62
C LEU A 211 14.09 3.75 4.12
N ARG A 212 13.48 4.67 3.41
CA ARG A 212 12.17 5.23 3.68
C ARG A 212 11.13 4.19 4.13
N PRO A 213 11.02 3.01 3.49
CA PRO A 213 9.98 2.07 3.92
C PRO A 213 10.11 1.59 5.35
N PHE A 214 11.25 1.81 6.01
CA PHE A 214 11.40 1.39 7.40
C PHE A 214 10.86 2.42 8.39
N PHE A 215 10.30 3.53 7.93
CA PHE A 215 9.88 4.63 8.76
C PHE A 215 8.38 4.88 8.64
N ASP A 216 7.61 3.82 8.52
CA ASP A 216 6.18 3.94 8.34
C ASP A 216 5.45 3.75 9.67
N PRO A 217 4.19 4.14 9.75
CA PRO A 217 3.50 4.19 11.04
C PRO A 217 3.04 2.82 11.53
N ILE A 218 3.00 2.68 12.85
CA ILE A 218 2.69 1.42 13.49
C ILE A 218 1.52 1.62 14.45
N ARG A 219 0.52 0.75 14.35
CA ARG A 219 -0.67 0.86 15.21
C ARG A 219 -0.42 0.11 16.52
N ILE A 220 -0.53 0.84 17.63
CA ILE A 220 -0.20 0.33 18.96
C ILE A 220 -1.29 0.81 19.91
N GLY A 221 -2.07 -0.13 20.44
CA GLY A 221 -3.17 0.23 21.32
C GLY A 221 -4.20 1.14 20.68
N GLY A 222 -4.59 0.87 19.43
CA GLY A 222 -5.63 1.68 18.82
C GLY A 222 -5.25 3.10 18.42
N LYS A 223 -3.97 3.48 18.49
CA LYS A 223 -3.52 4.66 17.78
C LYS A 223 -2.20 4.39 17.07
N SER A 224 -1.90 5.28 16.15
CA SER A 224 -0.84 5.12 15.16
C SER A 224 0.35 6.00 15.52
N TYR A 225 1.56 5.45 15.51
CA TYR A 225 2.77 6.17 15.85
C TYR A 225 3.67 6.25 14.62
N ILE A 226 3.99 7.47 14.20
CA ILE A 226 4.85 7.59 13.05
C ILE A 226 6.22 7.02 13.37
N GLY A 227 6.95 6.64 12.32
CA GLY A 227 8.29 6.12 12.46
C GLY A 227 9.30 7.19 12.78
N ALA A 228 10.52 6.74 13.10
CA ALA A 228 11.60 7.65 13.40
C ALA A 228 11.85 8.58 12.21
N GLY A 229 12.13 9.83 12.50
CA GLY A 229 12.29 10.81 11.44
C GLY A 229 13.24 11.90 11.86
N GLY A 230 13.93 12.46 10.85
CA GLY A 230 14.82 13.60 11.11
C GLY A 230 14.11 14.79 11.75
N GLY A 231 12.82 14.98 11.42
CA GLY A 231 12.00 15.99 12.06
C GLY A 231 11.85 15.81 13.56
N GLN A 232 12.17 14.62 14.08
CA GLN A 232 12.12 14.42 15.52
C GLN A 232 13.35 14.94 16.25
N ILE A 233 14.42 15.38 15.57
CA ILE A 233 15.44 16.11 16.34
C ILE A 233 14.82 17.40 16.85
N PRO A 234 15.14 17.84 18.05
CA PRO A 234 14.36 18.92 18.66
C PRO A 234 14.69 20.31 18.09
N LEU A 235 14.98 20.37 16.80
CA LEU A 235 15.19 21.67 16.17
C LEU A 235 13.97 22.58 16.33
N PHE A 236 12.76 22.02 16.18
CA PHE A 236 11.56 22.84 16.33
C PHE A 236 11.51 23.50 17.71
N VAL A 237 12.12 22.88 18.72
CA VAL A 237 12.13 23.48 20.05
C VAL A 237 12.95 24.77 20.02
N VAL A 238 14.14 24.72 19.40
CA VAL A 238 14.89 25.95 19.13
C VAL A 238 14.00 26.98 18.48
N ASP A 239 13.28 26.60 17.42
CA ASP A 239 12.43 27.55 16.70
C ASP A 239 11.41 28.21 17.62
N VAL A 240 10.75 27.41 18.46
CA VAL A 240 9.64 27.95 19.22
C VAL A 240 10.15 28.97 20.23
N LYS A 241 11.25 28.65 20.91
CA LYS A 241 11.82 29.56 21.87
C LYS A 241 12.41 30.80 21.18
N LEU A 242 12.97 30.62 19.98
CA LEU A 242 13.80 31.67 19.39
C LEU A 242 12.97 32.66 18.55
N TRP A 243 12.08 32.18 17.68
CA TRP A 243 11.34 33.10 16.82
C TRP A 243 9.83 32.85 16.73
N LEU A 244 9.39 31.59 16.82
CA LEU A 244 7.97 31.33 16.58
C LEU A 244 7.10 31.75 17.76
N GLY A 245 7.47 31.35 18.98
CA GLY A 245 6.69 31.74 20.15
C GLY A 245 5.21 31.42 19.99
N ASN A 246 4.36 32.31 20.48
CA ASN A 246 2.91 32.19 20.37
C ASN A 246 2.33 33.11 19.30
N HIS A 247 3.06 33.33 18.20
CA HIS A 247 2.72 34.40 17.26
C HIS A 247 1.93 33.94 16.05
N SER A 248 1.95 32.65 15.71
CA SER A 248 1.25 32.13 14.54
C SER A 248 0.31 31.00 14.95
N PRO A 249 -0.73 31.31 15.73
CA PRO A 249 -1.49 30.25 16.42
C PRO A 249 -2.11 29.20 15.51
N ASN A 250 -2.40 29.51 14.25
CA ASN A 250 -3.10 28.54 13.42
C ASN A 250 -2.25 28.02 12.27
N SER A 251 -0.93 28.21 12.32
CA SER A 251 -0.06 27.77 11.24
C SER A 251 0.05 26.24 11.21
N GLU A 252 0.39 25.73 10.03
CA GLU A 252 0.70 24.31 9.87
C GLU A 252 1.89 23.88 10.72
N TYR A 253 2.85 24.79 10.96
CA TYR A 253 4.03 24.42 11.72
C TYR A 253 3.69 24.22 13.20
N VAL A 254 2.78 25.02 13.74
CA VAL A 254 2.38 24.86 15.14
C VAL A 254 1.63 23.54 15.32
N SER A 255 0.98 23.05 14.27
CA SER A 255 0.29 21.76 14.29
C SER A 255 1.26 20.58 14.22
N PHE A 256 2.32 20.70 13.41
CA PHE A 256 3.40 19.71 13.45
C PHE A 256 4.04 19.66 14.83
N ILE A 257 4.29 20.82 15.44
CA ILE A 257 4.94 20.82 16.75
C ILE A 257 4.01 20.22 17.78
N LYS A 258 2.74 20.63 17.76
CA LYS A 258 1.72 20.06 18.62
C LYS A 258 1.78 18.54 18.61
N ASP A 259 1.84 17.96 17.42
CA ASP A 259 1.88 16.51 17.25
C ASP A 259 3.18 15.89 17.73
N SER A 260 4.24 16.68 17.88
CA SER A 260 5.58 16.19 18.20
C SER A 260 5.95 16.31 19.67
N VAL A 261 5.27 17.15 20.44
CA VAL A 261 5.70 17.41 21.82
C VAL A 261 5.89 16.11 22.58
N PHE A 262 4.93 15.21 22.48
CA PHE A 262 5.00 14.03 23.32
C PHE A 262 5.82 12.90 22.70
N TYR A 263 6.36 13.07 21.49
CA TYR A 263 7.41 12.19 21.02
C TYR A 263 8.76 12.54 21.64
N LEU A 264 8.94 13.80 22.04
CA LEU A 264 10.19 14.23 22.64
C LEU A 264 10.46 13.47 23.93
N PRO A 265 11.73 13.31 24.29
CA PRO A 265 12.07 12.92 25.68
C PRO A 265 11.39 13.85 26.67
N PRO A 266 10.95 13.31 27.80
CA PRO A 266 10.16 14.11 28.77
C PRO A 266 10.81 15.41 29.16
N GLU A 267 12.12 15.41 29.39
CA GLU A 267 12.81 16.61 29.86
C GLU A 267 12.70 17.78 28.88
N LEU A 268 12.39 17.53 27.63
CA LEU A 268 12.29 18.63 26.68
C LEU A 268 10.86 19.19 26.58
N ARG A 269 9.88 18.52 27.17
CA ARG A 269 8.49 18.86 26.93
C ARG A 269 8.08 20.18 27.58
N PRO A 270 8.45 20.46 28.84
CA PRO A 270 8.05 21.76 29.42
C PRO A 270 8.65 22.95 28.71
N ILE A 271 9.93 22.86 28.27
CA ILE A 271 10.54 23.94 27.50
C ILE A 271 9.71 24.24 26.28
N CYS A 272 9.31 23.20 25.55
CA CYS A 272 8.54 23.40 24.33
C CYS A 272 7.15 23.93 24.63
N VAL A 273 6.50 23.39 25.66
CA VAL A 273 5.14 23.82 25.98
C VAL A 273 5.14 25.28 26.42
N ASP A 274 5.97 25.66 27.41
CA ASP A 274 6.01 27.06 27.83
C ASP A 274 6.37 27.99 26.67
N SER A 275 7.29 27.59 25.79
CA SER A 275 7.70 28.48 24.71
C SER A 275 6.56 28.73 23.73
N LEU A 276 5.72 27.72 23.49
CA LEU A 276 4.54 27.87 22.65
C LEU A 276 3.49 28.79 23.25
N LEU A 277 3.63 29.17 24.52
CA LEU A 277 2.62 29.96 25.21
C LEU A 277 3.14 31.34 25.58
N GLU A 278 4.32 31.71 25.11
CA GLU A 278 5.02 32.93 25.48
C GLU A 278 5.52 33.62 24.23
N PRO A 279 5.75 34.93 24.27
CA PRO A 279 6.41 35.58 23.14
C PRO A 279 7.83 35.06 22.99
N SER A 280 8.29 34.93 21.74
CA SER A 280 9.63 34.41 21.49
C SER A 280 10.71 35.42 21.89
N VAL A 281 11.94 34.90 22.02
CA VAL A 281 13.10 35.72 22.39
C VAL A 281 13.26 36.89 21.42
N ILE A 282 13.28 36.60 20.11
CA ILE A 282 13.58 37.65 19.14
C ILE A 282 12.49 38.73 19.16
N ASN A 283 11.24 38.31 19.36
CA ASN A 283 10.15 39.28 19.45
C ASN A 283 10.29 40.18 20.67
N GLN A 284 10.68 39.60 21.80
CA GLN A 284 10.89 40.33 23.04
C GLN A 284 12.18 41.13 23.03
N LYS A 285 13.22 40.63 22.37
CA LYS A 285 14.45 41.42 22.19
C LYS A 285 14.28 42.51 21.14
N PHE A 286 13.39 42.32 20.16
CA PHE A 286 13.03 43.43 19.29
C PHE A 286 12.47 44.61 20.08
N ALA A 287 11.71 44.32 21.14
CA ALA A 287 11.08 45.38 21.91
C ALA A 287 12.08 46.09 22.80
N GLU A 288 12.92 45.31 23.49
CA GLU A 288 14.02 45.89 24.25
C GLU A 288 14.88 46.79 23.37
N PHE A 289 15.24 46.32 22.17
CA PHE A 289 16.11 47.08 21.28
C PHE A 289 15.54 48.45 20.99
N GLY A 290 14.32 48.50 20.48
CA GLY A 290 13.70 49.76 20.11
C GLY A 290 13.12 50.52 21.29
N SER A 291 13.73 50.42 22.46
CA SER A 291 13.18 51.12 23.61
C SER A 291 14.25 51.46 24.65
N VAL A 292 15.46 50.94 24.49
CA VAL A 292 16.53 51.26 25.43
C VAL A 292 17.65 51.95 24.67
N GLU A 293 18.68 52.37 25.39
CA GLU A 293 19.81 53.05 24.80
C GLU A 293 20.64 52.08 23.98
N ILE A 294 20.64 52.25 22.65
CA ILE A 294 21.28 51.34 21.71
C ILE A 294 22.78 51.62 21.73
N THR A 295 23.55 50.76 22.39
CA THR A 295 25.00 50.92 22.49
C THR A 295 25.72 49.94 21.54
N ASP A 296 27.01 49.71 21.82
CA ASP A 296 27.80 48.83 20.95
C ASP A 296 27.63 47.37 21.35
N GLN A 297 27.55 47.10 22.65
CA GLN A 297 27.25 45.74 23.09
C GLN A 297 25.86 45.32 22.68
N VAL A 298 24.94 46.29 22.56
CA VAL A 298 23.55 45.99 22.23
C VAL A 298 23.43 45.55 20.77
N ILE A 299 24.15 46.23 19.88
CA ILE A 299 24.21 45.79 18.49
C ILE A 299 24.85 44.42 18.41
N LYS A 300 26.00 44.24 19.07
CA LYS A 300 26.65 42.94 19.09
C LYS A 300 25.67 41.86 19.55
N GLY A 301 24.90 42.14 20.61
CA GLY A 301 23.94 41.17 21.12
C GLY A 301 22.83 40.87 20.13
N MET A 302 22.34 41.91 19.43
CA MET A 302 21.35 41.69 18.38
C MET A 302 21.98 41.01 17.17
N GLU A 303 23.23 41.36 16.83
CA GLU A 303 23.96 40.63 15.80
C GLU A 303 24.08 39.15 16.15
N SER A 304 24.17 38.82 17.43
CA SER A 304 24.37 37.43 17.81
C SER A 304 23.09 36.60 17.59
N LEU A 305 21.91 37.21 17.64
CA LEU A 305 20.70 36.46 17.35
C LEU A 305 20.57 36.20 15.86
N LEU A 306 20.97 37.14 15.03
CA LEU A 306 20.95 36.91 13.59
C LEU A 306 21.92 35.80 13.20
N SER A 307 23.06 35.72 13.90
CA SER A 307 23.99 34.63 13.65
C SER A 307 23.31 33.27 13.85
N VAL A 308 22.60 33.10 14.97
CA VAL A 308 21.88 31.84 15.21
C VAL A 308 20.92 31.55 14.07
N ILE A 309 20.08 32.52 13.74
CA ILE A 309 19.15 32.32 12.64
C ILE A 309 19.89 31.93 11.36
N GLN A 310 21.02 32.56 11.09
CA GLN A 310 21.71 32.25 9.84
C GLN A 310 22.25 30.83 9.83
N VAL A 311 22.61 30.31 11.01
CA VAL A 311 22.99 28.91 11.09
C VAL A 311 21.80 28.00 10.77
N LEU A 312 20.60 28.34 11.28
CA LEU A 312 19.43 27.55 10.92
C LEU A 312 19.25 27.47 9.40
N LEU A 313 19.49 28.57 8.68
CA LEU A 313 19.39 28.54 7.23
C LEU A 313 20.46 27.64 6.62
N LYS A 314 21.68 27.69 7.14
CA LYS A 314 22.69 26.78 6.63
C LYS A 314 22.29 25.33 6.81
N PHE A 315 21.30 25.04 7.66
CA PHE A 315 20.73 23.70 7.66
C PHE A 315 19.56 23.58 6.70
N ARG A 316 18.61 24.53 6.74
CA ARG A 316 17.37 24.28 6.03
C ARG A 316 17.52 24.39 4.52
N LYS A 317 18.43 25.24 4.03
CA LYS A 317 18.63 25.35 2.58
C LYS A 317 19.12 24.04 1.98
N PRO A 318 20.25 23.47 2.39
CA PRO A 318 20.63 22.18 1.80
C PRO A 318 19.65 21.07 2.14
N HIS A 319 18.97 21.12 3.29
CA HIS A 319 17.95 20.11 3.59
C HIS A 319 16.85 20.13 2.55
N PHE A 320 16.38 21.31 2.20
CA PHE A 320 15.33 21.44 1.21
C PHE A 320 15.75 20.86 -0.13
N GLN A 321 16.99 21.15 -0.56
CA GLN A 321 17.50 20.60 -1.82
C GLN A 321 17.53 19.08 -1.78
N LEU A 322 18.03 18.53 -0.67
CA LEU A 322 18.08 17.08 -0.52
C LEU A 322 16.69 16.46 -0.58
N ALA A 323 15.72 17.05 0.14
CA ALA A 323 14.36 16.54 0.09
C ALA A 323 13.76 16.70 -1.30
N GLN A 324 14.23 17.69 -2.06
CA GLN A 324 13.63 17.92 -3.36
C GLN A 324 14.18 16.94 -4.41
N ARG A 325 15.48 16.63 -4.34
CA ARG A 325 16.02 15.61 -5.21
C ARG A 325 15.43 14.24 -4.89
N THR A 326 15.02 14.03 -3.63
CA THR A 326 14.55 12.71 -3.21
C THR A 326 13.09 12.49 -3.55
N LEU A 327 12.27 13.53 -3.46
CA LEU A 327 10.85 13.42 -3.78
C LEU A 327 10.53 13.69 -5.25
N SER A 328 11.55 13.85 -6.09
CA SER A 328 11.34 14.09 -7.51
C SER A 328 10.71 12.85 -8.16
N LYS A 329 10.07 13.07 -9.32
CA LYS A 329 9.47 11.97 -10.08
C LYS A 329 10.44 10.81 -10.28
N GLU A 330 11.68 11.13 -10.64
CA GLU A 330 12.68 10.10 -10.89
C GLU A 330 13.04 9.33 -9.64
N ASN A 331 13.01 9.97 -8.47
CA ASN A 331 13.68 9.42 -7.30
C ASN A 331 12.75 9.00 -6.15
N ARG A 332 11.46 9.33 -6.20
CA ARG A 332 10.63 9.23 -5.01
C ARG A 332 10.21 7.80 -4.67
N GLY A 333 10.31 6.86 -5.60
CA GLY A 333 9.87 5.52 -5.32
C GLY A 333 8.37 5.48 -5.10
N ASN A 334 7.95 4.90 -3.98
CA ASN A 334 6.53 4.73 -3.66
C ASN A 334 5.97 5.83 -2.80
N TYR A 335 6.74 6.86 -2.50
CA TYR A 335 6.38 7.83 -1.46
C TYR A 335 6.33 9.24 -2.02
N THR A 336 5.39 10.03 -1.48
CA THR A 336 5.37 11.46 -1.71
C THR A 336 5.59 12.28 -0.44
N THR A 337 5.79 11.64 0.71
CA THR A 337 5.85 12.33 1.99
C THR A 337 7.03 11.84 2.81
N GLY A 338 7.39 12.63 3.83
CA GLY A 338 8.24 12.15 4.91
C GLY A 338 7.45 11.31 5.89
N SER A 339 8.17 10.78 6.87
CA SER A 339 7.56 9.88 7.84
C SER A 339 6.44 10.53 8.64
N ALA A 340 6.39 11.85 8.70
CA ALA A 340 5.32 12.53 9.43
C ALA A 340 4.18 12.96 8.51
N GLY A 341 4.22 12.59 7.23
CA GLY A 341 3.07 12.75 6.36
C GLY A 341 3.02 14.04 5.57
N TYR A 342 4.14 14.73 5.39
CA TYR A 342 4.19 16.00 4.72
C TYR A 342 5.05 15.91 3.46
N THR A 343 4.79 16.84 2.53
CA THR A 343 5.59 16.99 1.32
C THR A 343 6.68 18.03 1.55
N ASN A 344 7.49 18.25 0.51
CA ASN A 344 8.53 19.28 0.62
C ASN A 344 7.95 20.67 0.81
N SER A 345 6.66 20.86 0.49
CA SER A 345 6.00 22.14 0.76
C SER A 345 6.13 22.55 2.22
N PHE A 346 6.07 21.59 3.14
CA PHE A 346 6.21 21.90 4.56
C PHE A 346 7.61 22.41 4.88
N ASN A 347 8.64 21.79 4.28
CA ASN A 347 10.00 22.29 4.43
C ASN A 347 10.12 23.69 3.83
N HIS A 348 9.47 23.91 2.69
CA HIS A 348 9.53 25.23 2.09
C HIS A 348 8.91 26.27 3.01
N MET A 349 7.89 25.87 3.77
CA MET A 349 7.22 26.83 4.65
C MET A 349 8.06 27.14 5.90
N VAL A 350 8.67 26.12 6.51
CA VAL A 350 9.54 26.36 7.66
C VAL A 350 10.72 27.24 7.24
N LEU A 351 11.27 27.00 6.05
CA LEU A 351 12.41 27.76 5.59
C LEU A 351 12.03 29.18 5.19
N GLU A 352 10.83 29.38 4.65
CA GLU A 352 10.39 30.75 4.38
C GLU A 352 10.21 31.53 5.69
N PHE A 353 9.55 30.93 6.69
CA PHE A 353 9.47 31.49 8.03
C PHE A 353 10.82 31.98 8.54
N THR A 354 11.86 31.16 8.35
CA THR A 354 13.17 31.49 8.90
C THR A 354 13.83 32.63 8.12
N ILE A 355 13.75 32.58 6.78
CA ILE A 355 14.22 33.68 5.93
C ILE A 355 13.53 34.99 6.29
N GLU A 356 12.26 34.92 6.69
CA GLU A 356 11.54 36.13 7.07
C GLU A 356 12.08 36.71 8.37
N VAL A 357 12.46 35.87 9.32
CA VAL A 357 13.03 36.38 10.56
C VAL A 357 14.36 37.06 10.28
N GLU A 358 15.16 36.47 9.38
CA GLU A 358 16.44 37.10 9.01
C GLU A 358 16.21 38.46 8.38
N LYS A 359 15.16 38.59 7.56
CA LYS A 359 14.86 39.89 6.98
C LYS A 359 14.44 40.87 8.07
N GLN A 360 13.62 40.44 9.04
CA GLN A 360 13.17 41.35 10.09
C GLN A 360 14.33 41.84 10.94
N ILE A 361 15.26 40.93 11.26
CA ILE A 361 16.39 41.29 12.09
C ILE A 361 17.31 42.27 11.34
N ARG A 362 17.58 41.97 10.07
CA ARG A 362 18.40 42.87 9.25
C ARG A 362 17.77 44.25 9.10
N ALA A 363 16.43 44.31 9.11
CA ALA A 363 15.76 45.59 9.08
C ALA A 363 16.07 46.39 10.35
N VAL A 364 15.91 45.76 11.52
CA VAL A 364 16.09 46.46 12.78
C VAL A 364 17.51 47.02 12.89
N LEU A 365 18.45 46.38 12.21
CA LEU A 365 19.86 46.71 12.32
C LEU A 365 20.35 47.66 11.22
N ALA A 366 19.54 47.88 10.18
CA ALA A 366 20.04 48.58 8.99
C ALA A 366 20.58 49.98 9.27
N PRO A 367 19.92 50.83 10.10
CA PRO A 367 20.55 52.12 10.48
C PRO A 367 21.97 52.01 11.00
N TYR A 368 22.34 50.86 11.55
CA TYR A 368 23.60 50.75 12.26
C TYR A 368 24.61 49.87 11.51
N TYR B 17 -8.69 -27.23 -31.52
CA TYR B 17 -8.02 -28.47 -31.14
C TYR B 17 -7.79 -28.54 -29.64
N PHE B 18 -7.90 -27.40 -28.96
CA PHE B 18 -7.96 -27.42 -27.50
C PHE B 18 -9.27 -28.07 -27.08
N GLN B 19 -9.21 -28.95 -26.08
CA GLN B 19 -10.36 -29.73 -25.67
C GLN B 19 -10.44 -29.81 -24.15
N GLY B 20 -11.67 -29.87 -23.63
CA GLY B 20 -11.91 -30.38 -22.29
C GLY B 20 -11.92 -29.28 -21.24
N MET B 21 -11.21 -29.52 -20.14
CA MET B 21 -11.27 -28.68 -18.94
C MET B 21 -12.68 -28.69 -18.34
N ILE B 22 -13.00 -29.84 -17.72
CA ILE B 22 -14.33 -30.14 -17.19
C ILE B 22 -14.33 -29.92 -15.68
N SER B 23 -15.32 -29.17 -15.20
CA SER B 23 -15.31 -28.65 -13.84
C SER B 23 -15.36 -29.75 -12.78
N ASN B 24 -16.27 -30.71 -12.94
CA ASN B 24 -16.45 -31.74 -11.92
C ASN B 24 -15.18 -32.55 -11.69
N GLU B 25 -14.36 -32.75 -12.73
CA GLU B 25 -13.14 -33.54 -12.63
C GLU B 25 -11.99 -32.76 -12.00
N ILE B 26 -12.02 -31.43 -12.07
CA ILE B 26 -11.01 -30.61 -11.42
C ILE B 26 -11.36 -30.33 -9.98
N SER B 27 -12.63 -30.01 -9.72
CA SER B 27 -13.06 -29.61 -8.37
C SER B 27 -12.90 -30.73 -7.36
N LYS B 28 -12.87 -31.98 -7.81
CA LYS B 28 -12.78 -33.13 -6.92
C LYS B 28 -11.34 -33.51 -6.53
N LEU B 29 -10.34 -32.81 -7.05
CA LEU B 29 -8.95 -33.20 -6.83
C LEU B 29 -8.34 -32.43 -5.66
N ASP B 30 -7.33 -33.02 -5.04
CA ASP B 30 -6.56 -32.38 -3.99
C ASP B 30 -5.11 -32.81 -4.19
N PRO B 31 -4.49 -32.37 -5.29
CA PRO B 31 -3.17 -32.93 -5.64
C PRO B 31 -2.07 -32.58 -4.67
N LEU B 32 -2.20 -31.51 -3.91
CA LEU B 32 -1.19 -31.13 -2.93
C LEU B 32 -1.59 -31.48 -1.49
N ASN B 33 -2.61 -32.33 -1.33
CA ASN B 33 -3.09 -32.76 -0.02
C ASN B 33 -3.33 -31.58 0.92
N LEU B 34 -4.07 -30.59 0.42
CA LEU B 34 -4.32 -29.34 1.12
C LEU B 34 -5.72 -29.25 1.70
N ASP B 35 -6.49 -30.34 1.69
CA ASP B 35 -7.88 -30.22 2.16
C ASP B 35 -7.94 -29.78 3.62
N ALA B 36 -7.17 -30.45 4.50
CA ALA B 36 -7.17 -30.07 5.90
C ALA B 36 -6.67 -28.66 6.10
N PHE B 37 -5.63 -28.25 5.36
CA PHE B 37 -5.15 -26.89 5.42
C PHE B 37 -6.25 -25.90 5.04
N PHE B 38 -7.11 -26.26 4.11
CA PHE B 38 -8.12 -25.29 3.70
C PHE B 38 -9.29 -25.18 4.68
N ASN B 39 -9.39 -26.06 5.67
CA ASN B 39 -10.37 -25.81 6.71
C ASN B 39 -9.83 -24.84 7.75
N GLN B 40 -8.51 -24.69 7.83
CA GLN B 40 -7.86 -23.73 8.73
C GLN B 40 -7.60 -22.38 8.09
N LEU B 41 -7.61 -22.27 6.76
CA LEU B 41 -7.24 -21.01 6.12
C LEU B 41 -8.07 -19.82 6.58
N PRO B 42 -9.40 -19.89 6.70
CA PRO B 42 -10.12 -18.69 7.15
C PRO B 42 -9.63 -18.19 8.51
N SER B 43 -9.30 -19.12 9.41
CA SER B 43 -8.77 -18.75 10.72
C SER B 43 -7.32 -18.23 10.63
N LEU B 44 -6.47 -18.86 9.82
CA LEU B 44 -5.14 -18.31 9.64
C LEU B 44 -5.19 -16.90 9.09
N ASN B 45 -6.08 -16.64 8.14
CA ASN B 45 -6.12 -15.30 7.56
C ASN B 45 -6.69 -14.30 8.55
N GLN B 46 -7.61 -14.73 9.40
CA GLN B 46 -8.17 -13.84 10.40
C GLN B 46 -7.12 -13.44 11.43
N ASN B 47 -6.23 -14.35 11.79
CA ASN B 47 -5.21 -14.10 12.80
C ASN B 47 -3.87 -13.70 12.21
N LEU B 48 -3.82 -13.43 10.90
CA LEU B 48 -2.62 -12.94 10.21
C LEU B 48 -1.43 -13.88 10.39
N GLU B 49 -1.66 -15.19 10.24
CA GLU B 49 -0.58 -16.13 10.48
C GLU B 49 0.21 -16.40 9.19
N VAL B 50 0.94 -15.36 8.80
CA VAL B 50 1.73 -15.43 7.59
C VAL B 50 2.83 -16.48 7.68
N SER B 51 3.42 -16.69 8.88
CA SER B 51 4.44 -17.72 9.02
C SER B 51 3.92 -19.08 8.57
N LEU B 52 2.65 -19.38 8.82
CA LEU B 52 2.11 -20.67 8.43
C LEU B 52 1.82 -20.72 6.94
N LEU B 53 1.34 -19.61 6.36
CA LEU B 53 1.20 -19.52 4.91
C LEU B 53 2.55 -19.68 4.23
N ILE B 54 3.58 -18.98 4.73
CA ILE B 54 4.91 -19.10 4.15
C ILE B 54 5.40 -20.53 4.27
N ASP B 55 5.27 -21.12 5.46
CA ASP B 55 5.81 -22.45 5.66
C ASP B 55 5.13 -23.43 4.72
N LYS B 56 3.82 -23.26 4.50
CA LYS B 56 3.09 -24.12 3.58
C LYS B 56 3.59 -23.96 2.14
N LEU B 57 3.82 -22.73 1.69
CA LEU B 57 4.41 -22.53 0.36
C LEU B 57 5.77 -23.20 0.26
N ARG B 58 6.58 -23.13 1.32
CA ARG B 58 7.90 -23.75 1.28
C ARG B 58 7.79 -25.27 1.21
N GLU B 59 6.94 -25.87 2.06
CA GLU B 59 6.74 -27.32 2.05
C GLU B 59 6.31 -27.79 0.67
N ILE B 60 5.40 -27.05 0.02
CA ILE B 60 4.87 -27.50 -1.25
C ILE B 60 5.95 -27.53 -2.32
N THR B 61 6.80 -26.50 -2.37
CA THR B 61 7.89 -26.50 -3.36
C THR B 61 8.90 -27.60 -3.09
N LYS B 62 9.10 -27.96 -1.81
CA LYS B 62 10.04 -29.01 -1.45
C LYS B 62 9.48 -30.42 -1.65
N SER B 63 8.15 -30.58 -1.61
CA SER B 63 7.54 -31.90 -1.51
C SER B 63 7.00 -32.42 -2.82
N TYR B 64 6.62 -31.53 -3.73
CA TYR B 64 5.95 -31.95 -4.96
C TYR B 64 6.82 -31.57 -6.16
N LEU B 65 6.80 -32.45 -7.17
CA LEU B 65 7.40 -32.19 -8.47
C LEU B 65 6.25 -32.09 -9.46
N PRO B 66 5.84 -30.89 -9.84
CA PRO B 66 4.62 -30.76 -10.65
C PRO B 66 4.71 -31.49 -11.97
N THR B 67 5.92 -31.75 -12.44
CA THR B 67 6.12 -32.51 -13.66
C THR B 67 5.38 -33.84 -13.66
N THR B 68 5.06 -34.37 -12.48
CA THR B 68 4.28 -35.59 -12.37
C THR B 68 2.77 -35.35 -12.48
N PHE B 69 2.33 -34.10 -12.69
CA PHE B 69 0.91 -33.78 -12.64
C PHE B 69 0.27 -33.97 -14.01
N SER B 70 -0.92 -34.57 -14.01
CA SER B 70 -1.82 -34.51 -15.15
C SER B 70 -2.37 -33.10 -15.30
N ILE B 71 -2.97 -32.81 -16.45
CA ILE B 71 -3.54 -31.49 -16.67
C ILE B 71 -4.54 -31.12 -15.57
N ASN B 72 -5.45 -32.04 -15.23
CA ASN B 72 -6.44 -31.72 -14.20
C ASN B 72 -5.78 -31.43 -12.86
N ASP B 73 -4.78 -32.25 -12.50
CA ASP B 73 -4.00 -32.02 -11.28
C ASP B 73 -3.39 -30.63 -11.30
N ALA B 74 -2.78 -30.26 -12.43
CA ALA B 74 -2.11 -28.96 -12.50
C ALA B 74 -3.11 -27.82 -12.42
N LEU B 75 -4.30 -27.99 -12.99
CA LEU B 75 -5.34 -26.97 -12.80
C LEU B 75 -5.76 -26.87 -11.33
N ALA B 76 -6.02 -28.02 -10.69
CA ALA B 76 -6.41 -27.99 -9.29
C ALA B 76 -5.29 -27.43 -8.43
N ALA B 77 -4.04 -27.73 -8.78
CA ALA B 77 -2.92 -27.21 -7.99
C ALA B 77 -2.75 -25.71 -8.17
N THR B 78 -3.00 -25.20 -9.38
CA THR B 78 -2.99 -23.75 -9.56
C THR B 78 -4.09 -23.10 -8.72
N ARG B 79 -5.22 -23.78 -8.58
CA ARG B 79 -6.32 -23.25 -7.76
C ARG B 79 -5.90 -23.13 -6.28
N ASP B 80 -5.36 -24.21 -5.73
CA ASP B 80 -5.03 -24.22 -4.31
C ASP B 80 -3.79 -23.39 -4.01
N LEU B 81 -2.69 -23.65 -4.70
CA LEU B 81 -1.49 -22.84 -4.50
C LEU B 81 -1.79 -21.36 -4.69
N GLY B 82 -2.54 -21.03 -5.74
CA GLY B 82 -2.84 -19.63 -6.01
C GLY B 82 -3.58 -18.96 -4.87
N MET B 83 -4.49 -19.69 -4.23
CA MET B 83 -5.22 -19.12 -3.11
C MET B 83 -4.29 -18.88 -1.92
N ILE B 84 -3.31 -19.75 -1.68
CA ILE B 84 -2.37 -19.47 -0.60
C ILE B 84 -1.48 -18.26 -0.95
N MET B 85 -0.92 -18.22 -2.16
CA MET B 85 -0.24 -17.02 -2.65
C MET B 85 -1.06 -15.75 -2.46
N SER B 86 -2.35 -15.80 -2.77
CA SER B 86 -3.20 -14.62 -2.66
C SER B 86 -3.36 -14.17 -1.21
N SER B 87 -3.46 -15.13 -0.28
CA SER B 87 -3.52 -14.81 1.14
C SER B 87 -2.22 -14.15 1.62
N VAL B 88 -1.08 -14.57 1.08
CA VAL B 88 0.18 -13.95 1.45
C VAL B 88 0.26 -12.53 0.87
N ARG B 89 -0.07 -12.39 -0.40
CA ARG B 89 -0.11 -11.07 -1.02
C ARG B 89 -1.04 -10.13 -0.25
N LYS B 90 -2.15 -10.67 0.28
CA LYS B 90 -3.10 -9.82 0.98
C LYS B 90 -2.45 -9.14 2.19
N LEU B 91 -1.47 -9.78 2.81
CA LEU B 91 -0.81 -9.19 3.96
C LEU B 91 0.25 -8.17 3.56
N GLY B 92 0.60 -8.07 2.28
CA GLY B 92 1.59 -7.12 1.79
C GLY B 92 2.84 -7.76 1.22
N ILE B 93 3.07 -9.04 1.41
CA ILE B 93 4.29 -9.69 0.96
C ILE B 93 4.07 -10.25 -0.43
N GLN B 94 4.98 -9.93 -1.35
CA GLN B 94 5.04 -10.60 -2.65
C GLN B 94 5.45 -12.06 -2.44
N PRO B 95 4.55 -13.03 -2.62
CA PRO B 95 4.87 -14.41 -2.21
C PRO B 95 6.07 -15.04 -2.94
N VAL B 96 6.27 -14.74 -4.22
CA VAL B 96 7.39 -15.35 -4.92
C VAL B 96 8.71 -14.70 -4.49
N SER B 97 8.68 -13.44 -4.05
CA SER B 97 9.87 -12.82 -3.47
C SER B 97 10.28 -13.50 -2.16
N ALA B 98 9.32 -14.07 -1.44
CA ALA B 98 9.59 -14.65 -0.13
C ALA B 98 9.92 -16.13 -0.18
N VAL B 99 9.42 -16.84 -1.19
CA VAL B 99 9.75 -18.26 -1.42
C VAL B 99 10.20 -18.33 -2.87
N SER B 100 11.50 -18.10 -3.13
CA SER B 100 11.96 -17.98 -4.52
C SER B 100 11.83 -19.29 -5.29
N ASP B 101 11.79 -20.42 -4.59
CA ASP B 101 11.59 -21.71 -5.24
C ASP B 101 10.22 -21.81 -5.91
N LEU B 102 9.29 -20.90 -5.63
CA LEU B 102 7.99 -20.91 -6.29
C LEU B 102 8.10 -20.56 -7.77
N GLU B 103 9.06 -19.72 -8.14
CA GLU B 103 9.17 -19.33 -9.53
C GLU B 103 9.23 -20.54 -10.45
N VAL B 104 10.07 -21.51 -10.13
CA VAL B 104 10.28 -22.65 -11.00
C VAL B 104 9.09 -23.60 -10.92
N PHE B 105 8.58 -23.82 -9.71
CA PHE B 105 7.35 -24.57 -9.49
C PHE B 105 6.21 -24.01 -10.35
N LEU B 106 5.98 -22.69 -10.26
CA LEU B 106 4.87 -22.09 -10.98
C LEU B 106 5.14 -22.04 -12.48
N GLU B 107 6.40 -21.90 -12.89
CA GLU B 107 6.75 -22.00 -14.30
C GLU B 107 6.40 -23.39 -14.83
N THR B 108 6.78 -24.44 -14.09
CA THR B 108 6.48 -25.80 -14.50
C THR B 108 4.97 -26.07 -14.54
N LEU B 109 4.24 -25.55 -13.55
CA LEU B 109 2.80 -25.77 -13.48
C LEU B 109 2.06 -25.10 -14.64
N SER B 110 2.53 -23.97 -15.11
CA SER B 110 1.83 -23.33 -16.20
C SER B 110 2.30 -23.81 -17.57
N GLU B 111 3.43 -24.51 -17.66
CA GLU B 111 3.74 -25.23 -18.88
C GLU B 111 2.75 -26.37 -19.12
N ILE B 112 2.25 -26.99 -18.06
CA ILE B 112 1.26 -28.05 -18.19
C ILE B 112 -0.13 -27.48 -18.46
N THR B 113 -0.53 -26.43 -17.73
CA THR B 113 -1.88 -25.87 -17.88
C THR B 113 -2.02 -24.97 -19.11
N ASN B 114 -0.90 -24.44 -19.63
CA ASN B 114 -0.89 -23.36 -20.63
CA ASN B 114 -0.95 -23.41 -20.66
C ASN B 114 -1.83 -22.22 -20.23
N MET B 115 -1.87 -21.94 -18.92
CA MET B 115 -2.59 -20.83 -18.32
C MET B 115 -1.63 -20.02 -17.43
N VAL B 116 -2.04 -18.82 -17.04
CA VAL B 116 -1.22 -17.97 -16.17
C VAL B 116 -0.91 -18.71 -14.88
N PRO B 117 0.23 -18.43 -14.22
CA PRO B 117 0.60 -19.16 -12.99
C PRO B 117 -0.09 -18.60 -11.74
N ARG B 118 -1.38 -18.34 -11.85
CA ARG B 118 -2.15 -17.69 -10.80
C ARG B 118 -3.58 -18.16 -10.97
N GLU B 119 -4.35 -18.16 -9.90
CA GLU B 119 -5.72 -18.61 -10.01
C GLU B 119 -6.62 -17.49 -10.55
N THR B 120 -7.69 -17.89 -11.23
CA THR B 120 -8.63 -16.97 -11.82
C THR B 120 -10.01 -17.30 -11.28
N SER B 121 -11.01 -16.56 -11.76
CA SER B 121 -12.36 -16.85 -11.29
C SER B 121 -12.83 -18.24 -11.73
N TYR B 122 -12.19 -18.84 -12.75
CA TYR B 122 -12.48 -20.24 -13.07
C TYR B 122 -12.10 -21.16 -11.93
N HIS B 123 -10.95 -20.90 -11.29
CA HIS B 123 -10.50 -21.79 -10.21
C HIS B 123 -11.32 -21.55 -8.95
N TYR B 124 -11.78 -20.31 -8.77
CA TYR B 124 -12.47 -19.90 -7.56
C TYR B 124 -13.93 -20.33 -7.57
N GLY B 125 -14.51 -20.49 -8.76
CA GLY B 125 -15.91 -20.80 -8.90
C GLY B 125 -16.11 -22.21 -9.42
N PRO B 126 -16.21 -22.35 -10.75
CA PRO B 126 -16.55 -23.67 -11.32
C PRO B 126 -15.59 -24.79 -10.93
N TRP B 127 -14.29 -24.53 -10.77
CA TRP B 127 -13.35 -25.59 -10.42
C TRP B 127 -13.15 -25.73 -8.91
N ASN B 128 -13.90 -24.97 -8.12
CA ASN B 128 -13.82 -24.97 -6.67
C ASN B 128 -14.94 -25.85 -6.13
N PRO B 129 -14.63 -26.92 -5.39
CA PRO B 129 -15.69 -27.86 -5.02
C PRO B 129 -16.78 -27.20 -4.17
N ILE B 130 -17.99 -27.73 -4.28
CA ILE B 130 -19.11 -27.35 -3.41
C ILE B 130 -18.97 -28.14 -2.12
N GLY B 131 -19.43 -27.56 -1.01
CA GLY B 131 -19.50 -28.28 0.26
C GLY B 131 -18.31 -28.11 1.19
N GLU B 132 -18.03 -29.15 1.99
CA GLU B 132 -17.05 -29.01 3.06
C GLU B 132 -15.65 -28.72 2.52
N ARG B 133 -15.35 -29.16 1.29
CA ARG B 133 -14.03 -28.94 0.71
C ARG B 133 -13.88 -27.55 0.09
N GLU B 134 -14.95 -26.78 -0.02
CA GLU B 134 -14.92 -25.52 -0.75
C GLU B 134 -13.78 -24.63 -0.27
N ARG B 135 -12.98 -24.13 -1.21
CA ARG B 135 -11.88 -23.24 -0.86
C ARG B 135 -12.41 -21.83 -0.65
N ARG B 136 -12.12 -21.25 0.51
CA ARG B 136 -12.52 -19.88 0.82
C ARG B 136 -11.38 -19.19 1.55
N PHE B 137 -11.26 -17.88 1.31
CA PHE B 137 -10.29 -17.06 2.02
C PHE B 137 -10.71 -16.74 3.46
N THR B 138 -12.01 -16.65 3.72
CA THR B 138 -12.49 -16.06 4.97
C THR B 138 -13.62 -16.89 5.54
N HIS B 139 -14.02 -16.54 6.76
CA HIS B 139 -15.23 -17.06 7.38
C HIS B 139 -16.46 -16.21 7.06
N PHE B 140 -16.31 -15.13 6.31
CA PHE B 140 -17.44 -14.25 6.06
C PHE B 140 -18.45 -14.88 5.12
N PRO B 141 -19.74 -14.92 5.48
CA PRO B 141 -20.75 -15.41 4.55
C PRO B 141 -20.77 -14.67 3.23
N ASP B 142 -20.44 -13.39 3.24
CA ASP B 142 -20.46 -12.60 2.02
C ASP B 142 -19.55 -13.16 0.95
N GLU B 143 -18.54 -13.94 1.33
CA GLU B 143 -17.63 -14.50 0.34
C GLU B 143 -18.36 -15.48 -0.57
N ARG B 144 -19.31 -16.23 -0.03
CA ARG B 144 -20.12 -17.13 -0.84
C ARG B 144 -20.84 -16.42 -1.97
N GLY B 145 -21.13 -15.13 -1.82
CA GLY B 145 -21.76 -14.41 -2.89
C GLY B 145 -20.87 -14.29 -4.11
N LEU B 146 -19.56 -14.15 -3.90
CA LEU B 146 -18.63 -14.10 -5.02
C LEU B 146 -18.47 -15.46 -5.66
N ILE B 147 -18.22 -16.50 -4.86
CA ILE B 147 -18.05 -17.83 -5.39
C ILE B 147 -19.28 -18.27 -6.16
N GLU B 148 -20.46 -18.13 -5.55
CA GLU B 148 -21.70 -18.51 -6.21
C GLU B 148 -21.86 -17.74 -7.51
N GLY B 149 -21.54 -16.46 -7.49
CA GLY B 149 -21.72 -15.66 -8.69
C GLY B 149 -21.01 -16.25 -9.88
N VAL B 150 -19.72 -16.57 -9.72
CA VAL B 150 -18.96 -17.00 -10.90
C VAL B 150 -19.17 -18.47 -11.17
N ARG B 151 -19.39 -19.28 -10.14
CA ARG B 151 -19.73 -20.67 -10.35
C ARG B 151 -21.00 -20.82 -11.20
N ILE B 152 -21.98 -19.95 -10.98
CA ILE B 152 -23.20 -20.02 -11.76
C ILE B 152 -23.00 -19.40 -13.14
N ALA B 153 -22.36 -18.24 -13.19
CA ALA B 153 -22.29 -17.50 -14.46
C ALA B 153 -21.47 -18.26 -15.50
N ILE B 154 -20.35 -18.83 -15.11
CA ILE B 154 -19.34 -19.25 -16.08
C ILE B 154 -19.86 -20.39 -16.97
N PRO B 155 -20.46 -21.46 -16.44
CA PRO B 155 -21.05 -22.49 -17.34
C PRO B 155 -22.04 -21.95 -18.36
N GLY B 156 -22.97 -21.09 -17.93
CA GLY B 156 -23.96 -20.58 -18.86
C GLY B 156 -23.36 -19.71 -19.95
N ILE B 157 -22.39 -18.86 -19.59
CA ILE B 157 -21.73 -18.01 -20.59
C ILE B 157 -21.01 -18.86 -21.60
N GLU B 158 -20.29 -19.88 -21.12
CA GLU B 158 -19.58 -20.76 -22.01
C GLU B 158 -20.54 -21.38 -23.03
N LEU B 159 -21.68 -21.92 -22.58
CA LEU B 159 -22.63 -22.49 -23.54
C LEU B 159 -23.18 -21.42 -24.48
N ALA B 160 -23.45 -20.22 -23.96
CA ALA B 160 -23.89 -19.15 -24.85
C ALA B 160 -22.85 -18.81 -25.91
N ILE B 161 -21.56 -18.93 -25.56
CA ILE B 161 -20.51 -18.66 -26.53
C ILE B 161 -20.58 -19.64 -27.69
N ARG B 162 -20.71 -20.93 -27.38
CA ARG B 162 -20.75 -21.94 -28.42
C ARG B 162 -22.00 -21.82 -29.28
N GLU B 163 -23.11 -21.38 -28.71
CA GLU B 163 -24.33 -21.22 -29.50
C GLU B 163 -24.26 -19.97 -30.38
N ILE B 164 -23.74 -18.87 -29.83
CA ILE B 164 -23.67 -17.62 -30.59
C ILE B 164 -22.69 -17.78 -31.74
N ASN B 165 -21.69 -18.64 -31.56
CA ASN B 165 -20.71 -18.86 -32.60
C ASN B 165 -21.35 -19.42 -33.87
N GLN B 166 -22.34 -20.29 -33.71
CA GLN B 166 -23.05 -20.89 -34.84
C GLN B 166 -23.90 -19.90 -35.61
N LEU B 167 -24.17 -18.71 -35.07
CA LEU B 167 -25.07 -17.78 -35.75
C LEU B 167 -24.45 -17.18 -36.99
N SER B 168 -23.12 -17.09 -37.05
CA SER B 168 -22.49 -16.53 -38.24
C SER B 168 -22.91 -17.28 -39.50
N ASN B 169 -23.17 -18.58 -39.41
CA ASN B 169 -23.41 -19.42 -40.57
C ASN B 169 -24.86 -19.88 -40.68
N LEU B 170 -25.80 -19.09 -40.15
CA LEU B 170 -27.23 -19.30 -40.32
C LEU B 170 -27.85 -18.00 -40.79
N SER B 171 -28.96 -18.10 -41.50
CA SER B 171 -29.62 -16.92 -42.03
C SER B 171 -30.78 -16.53 -41.13
N LEU B 172 -31.07 -15.23 -41.12
CA LEU B 172 -32.18 -14.71 -40.33
C LEU B 172 -33.48 -15.43 -40.63
N ASN B 173 -33.62 -15.98 -41.85
CA ASN B 173 -34.83 -16.66 -42.30
C ASN B 173 -34.91 -18.10 -41.84
N ASP B 174 -33.89 -18.59 -41.27
CA ASP B 174 -33.84 -19.97 -40.80
C ASP B 174 -34.36 -20.02 -39.38
N PRO B 175 -35.34 -20.87 -39.07
CA PRO B 175 -35.81 -20.97 -37.67
C PRO B 175 -34.73 -21.44 -36.72
N ALA B 176 -33.69 -22.10 -37.22
CA ALA B 176 -32.59 -22.53 -36.37
C ALA B 176 -31.82 -21.35 -35.79
N PHE B 177 -31.76 -20.24 -36.52
CA PHE B 177 -31.17 -19.02 -35.97
C PHE B 177 -31.89 -18.59 -34.70
N GLU B 178 -33.21 -18.33 -34.80
CA GLU B 178 -33.97 -17.88 -33.64
C GLU B 178 -33.82 -18.85 -32.48
N SER B 179 -33.86 -20.16 -32.76
CA SER B 179 -33.78 -21.12 -31.67
C SER B 179 -32.43 -21.08 -30.98
N LEU B 180 -31.36 -20.89 -31.75
CA LEU B 180 -30.04 -20.85 -31.15
C LEU B 180 -29.86 -19.60 -30.30
N ALA B 181 -30.30 -18.45 -30.83
CA ALA B 181 -30.18 -17.18 -30.11
C ALA B 181 -31.01 -17.18 -28.83
N LYS B 182 -32.15 -17.86 -28.83
CA LYS B 182 -32.96 -17.95 -27.61
C LYS B 182 -32.29 -18.83 -26.58
N SER B 183 -31.74 -19.97 -27.01
CA SER B 183 -30.98 -20.83 -26.11
C SER B 183 -29.80 -20.06 -25.49
N ALA B 184 -29.11 -19.25 -26.29
CA ALA B 184 -27.99 -18.47 -25.77
C ALA B 184 -28.48 -17.43 -24.77
N ALA B 185 -29.55 -16.71 -25.12
CA ALA B 185 -30.18 -15.80 -24.18
C ALA B 185 -30.53 -16.54 -22.88
N LEU B 186 -31.10 -17.73 -23.00
CA LEU B 186 -31.41 -18.53 -21.83
C LEU B 186 -30.15 -18.84 -21.04
N HIS B 187 -29.05 -19.11 -21.72
CA HIS B 187 -27.82 -19.48 -21.02
C HIS B 187 -27.14 -18.26 -20.42
N VAL B 188 -27.18 -17.13 -21.12
CA VAL B 188 -26.69 -15.88 -20.57
C VAL B 188 -27.45 -15.52 -19.29
N TYR B 189 -28.67 -16.03 -19.12
CA TYR B 189 -29.40 -15.73 -17.90
C TYR B 189 -28.73 -16.32 -16.68
N GLN B 190 -27.90 -17.36 -16.86
CA GLN B 190 -27.12 -17.87 -15.74
C GLN B 190 -26.25 -16.79 -15.12
N ALA B 191 -25.79 -15.83 -15.92
CA ALA B 191 -24.99 -14.74 -15.37
C ALA B 191 -25.87 -13.78 -14.57
N VAL B 192 -27.08 -13.51 -15.06
CA VAL B 192 -28.01 -12.67 -14.30
C VAL B 192 -28.34 -13.33 -12.97
N ASP B 193 -28.60 -14.62 -12.98
CA ASP B 193 -28.85 -15.32 -11.72
C ASP B 193 -27.65 -15.24 -10.80
N GLY B 194 -26.44 -15.33 -11.37
CA GLY B 194 -25.24 -15.32 -10.55
C GLY B 194 -24.99 -13.99 -9.87
N ILE B 195 -25.07 -12.90 -10.62
CA ILE B 195 -24.92 -11.59 -10.00
C ILE B 195 -26.02 -11.36 -8.97
N GLY B 196 -27.21 -11.90 -9.22
CA GLY B 196 -28.27 -11.80 -8.23
C GLY B 196 -27.92 -12.46 -6.92
N GLU B 197 -27.36 -13.68 -6.97
CA GLU B 197 -26.89 -14.34 -5.75
C GLU B 197 -25.89 -13.47 -5.01
N THR B 198 -25.02 -12.79 -5.74
CA THR B 198 -24.05 -11.90 -5.12
C THR B 198 -24.75 -10.73 -4.44
N ILE B 199 -25.69 -10.10 -5.16
CA ILE B 199 -26.43 -8.98 -4.58
C ILE B 199 -27.18 -9.41 -3.34
N LYS B 200 -27.67 -10.65 -3.32
CA LYS B 200 -28.34 -11.15 -2.13
C LYS B 200 -27.37 -11.34 -0.97
N LYS B 201 -26.16 -11.82 -1.24
CA LYS B 201 -25.35 -12.40 -0.16
C LYS B 201 -24.15 -11.57 0.26
N THR B 202 -23.71 -10.59 -0.54
CA THR B 202 -22.43 -9.93 -0.33
C THR B 202 -22.69 -8.47 -0.02
N ASP B 203 -22.32 -8.06 1.17
CA ASP B 203 -22.51 -6.68 1.56
C ASP B 203 -21.41 -5.82 0.96
N PRO B 204 -21.73 -4.71 0.29
CA PRO B 204 -20.68 -3.87 -0.33
C PRO B 204 -19.53 -3.52 0.62
N TYR B 205 -19.84 -3.10 1.85
CA TYR B 205 -18.80 -2.69 2.78
C TYR B 205 -17.92 -3.87 3.20
N VAL B 206 -18.52 -5.04 3.43
CA VAL B 206 -17.72 -6.23 3.77
C VAL B 206 -16.80 -6.61 2.61
N PHE B 207 -17.29 -6.46 1.37
CA PHE B 207 -16.46 -6.79 0.22
C PHE B 207 -15.21 -5.95 0.22
N SER B 208 -15.38 -4.61 0.27
CA SER B 208 -14.24 -3.71 0.18
C SER B 208 -13.26 -3.94 1.31
N HIS B 209 -13.75 -4.30 2.48
CA HIS B 209 -12.91 -4.34 3.65
C HIS B 209 -12.35 -5.72 3.93
N GLU B 210 -13.03 -6.79 3.51
CA GLU B 210 -12.63 -8.13 3.87
C GLU B 210 -12.24 -9.02 2.69
N LEU B 211 -12.74 -8.74 1.49
CA LEU B 211 -12.60 -9.68 0.38
C LEU B 211 -11.72 -9.14 -0.74
N ARG B 212 -11.99 -7.89 -1.15
CA ARG B 212 -11.17 -7.23 -2.15
C ARG B 212 -9.67 -7.33 -1.91
N PRO B 213 -9.14 -7.26 -0.68
CA PRO B 213 -7.68 -7.36 -0.50
C PRO B 213 -7.09 -8.68 -0.96
N PHE B 214 -7.90 -9.70 -1.17
CA PHE B 214 -7.39 -10.98 -1.65
C PHE B 214 -7.27 -11.06 -3.17
N PHE B 215 -7.61 -10.01 -3.90
CA PHE B 215 -7.60 -10.05 -5.35
C PHE B 215 -6.58 -9.09 -5.94
N ASP B 216 -5.41 -9.01 -5.33
CA ASP B 216 -4.38 -8.05 -5.71
C ASP B 216 -3.32 -8.72 -6.56
N PRO B 217 -2.57 -7.94 -7.34
CA PRO B 217 -1.60 -8.52 -8.29
C PRO B 217 -0.44 -9.22 -7.59
N ILE B 218 0.18 -10.13 -8.31
CA ILE B 218 1.29 -10.91 -7.81
C ILE B 218 2.37 -10.96 -8.89
N ARG B 219 3.63 -10.82 -8.46
CA ARG B 219 4.75 -10.72 -9.38
C ARG B 219 5.40 -12.09 -9.52
N ILE B 220 5.37 -12.64 -10.74
CA ILE B 220 5.82 -14.00 -10.99
C ILE B 220 6.66 -13.97 -12.26
N GLY B 221 7.94 -14.31 -12.12
CA GLY B 221 8.85 -14.25 -13.25
C GLY B 221 8.92 -12.89 -13.91
N GLY B 222 9.06 -11.82 -13.11
CA GLY B 222 9.18 -10.49 -13.65
C GLY B 222 7.97 -9.92 -14.35
N LYS B 223 6.80 -10.57 -14.22
CA LYS B 223 5.55 -10.02 -14.72
C LYS B 223 4.53 -10.03 -13.59
N SER B 224 3.62 -9.08 -13.64
CA SER B 224 2.58 -8.91 -12.64
C SER B 224 1.26 -9.49 -13.14
N TYR B 225 0.67 -10.43 -12.38
CA TYR B 225 -0.59 -11.08 -12.74
C TYR B 225 -1.71 -10.62 -11.81
N ILE B 226 -2.79 -10.09 -12.37
CA ILE B 226 -3.87 -9.62 -11.53
C ILE B 226 -4.54 -10.80 -10.81
N GLY B 227 -5.24 -10.47 -9.72
CA GLY B 227 -5.98 -11.48 -8.99
C GLY B 227 -7.25 -11.90 -9.71
N ALA B 228 -7.91 -12.93 -9.16
CA ALA B 228 -9.14 -13.42 -9.77
C ALA B 228 -10.22 -12.35 -9.71
N GLY B 229 -11.06 -12.32 -10.73
CA GLY B 229 -12.04 -11.26 -10.84
C GLY B 229 -13.28 -11.73 -11.55
N GLY B 230 -14.42 -11.12 -11.18
CA GLY B 230 -15.65 -11.33 -11.95
C GLY B 230 -15.45 -11.06 -13.42
N GLY B 231 -14.66 -10.01 -13.74
CA GLY B 231 -14.32 -9.64 -15.10
C GLY B 231 -13.64 -10.74 -15.91
N GLN B 232 -13.21 -11.83 -15.27
CA GLN B 232 -12.61 -12.94 -15.99
C GLN B 232 -13.64 -13.97 -16.47
N ILE B 233 -14.91 -13.86 -16.06
CA ILE B 233 -15.90 -14.70 -16.74
C ILE B 233 -15.90 -14.35 -18.22
N PRO B 234 -15.96 -15.31 -19.14
CA PRO B 234 -15.76 -15.00 -20.56
C PRO B 234 -16.92 -14.23 -21.21
N LEU B 235 -17.55 -13.37 -20.42
CA LEU B 235 -18.63 -12.55 -20.95
C LEU B 235 -18.15 -11.64 -22.06
N PHE B 236 -16.92 -11.11 -21.94
CA PHE B 236 -16.40 -10.28 -23.03
C PHE B 236 -16.29 -11.06 -24.32
N VAL B 237 -16.16 -12.39 -24.23
CA VAL B 237 -16.12 -13.21 -25.44
C VAL B 237 -17.48 -13.21 -26.14
N VAL B 238 -18.58 -13.31 -25.38
CA VAL B 238 -19.90 -13.06 -25.97
C VAL B 238 -19.93 -11.68 -26.62
N ASP B 239 -19.32 -10.67 -25.99
CA ASP B 239 -19.39 -9.32 -26.52
C ASP B 239 -18.73 -9.21 -27.89
N VAL B 240 -17.48 -9.67 -28.01
CA VAL B 240 -16.76 -9.48 -29.26
C VAL B 240 -17.43 -10.25 -30.37
N LYS B 241 -17.88 -11.47 -30.08
CA LYS B 241 -18.53 -12.25 -31.13
C LYS B 241 -19.84 -11.59 -31.55
N LEU B 242 -20.63 -11.11 -30.60
CA LEU B 242 -22.00 -10.70 -30.86
C LEU B 242 -22.11 -9.26 -31.36
N TRP B 243 -21.45 -8.29 -30.72
CA TRP B 243 -21.63 -6.91 -31.18
C TRP B 243 -20.33 -6.15 -31.41
N LEU B 244 -19.29 -6.42 -30.63
CA LEU B 244 -18.12 -5.54 -30.68
C LEU B 244 -17.28 -5.79 -31.93
N GLY B 245 -16.94 -7.06 -32.21
CA GLY B 245 -16.19 -7.42 -33.40
C GLY B 245 -14.87 -6.67 -33.54
N ASN B 246 -14.61 -6.17 -34.76
CA ASN B 246 -13.41 -5.41 -35.10
C ASN B 246 -13.74 -3.96 -35.42
N HIS B 247 -14.76 -3.41 -34.77
CA HIS B 247 -15.29 -2.10 -35.13
C HIS B 247 -14.71 -0.95 -34.32
N SER B 248 -14.27 -1.17 -33.08
CA SER B 248 -13.78 -0.09 -32.20
C SER B 248 -12.32 -0.31 -31.83
N PRO B 249 -11.42 -0.28 -32.81
CA PRO B 249 -10.08 -0.84 -32.62
C PRO B 249 -9.25 -0.19 -31.52
N ASN B 250 -9.56 1.04 -31.11
CA ASN B 250 -8.71 1.72 -30.13
C ASN B 250 -9.45 2.01 -28.83
N SER B 251 -10.65 1.48 -28.63
CA SER B 251 -11.41 1.74 -27.42
C SER B 251 -10.79 1.03 -26.21
N GLU B 252 -11.14 1.54 -25.02
CA GLU B 252 -10.62 0.98 -23.77
C GLU B 252 -11.10 -0.44 -23.54
N TYR B 253 -12.27 -0.80 -24.05
CA TYR B 253 -12.77 -2.16 -23.84
C TYR B 253 -11.94 -3.19 -24.62
N VAL B 254 -11.51 -2.84 -25.83
CA VAL B 254 -10.62 -3.74 -26.58
C VAL B 254 -9.27 -3.87 -25.89
N SER B 255 -8.81 -2.79 -25.24
CA SER B 255 -7.58 -2.88 -24.47
C SER B 255 -7.71 -3.87 -23.31
N PHE B 256 -8.84 -3.81 -22.60
CA PHE B 256 -9.11 -4.76 -21.52
C PHE B 256 -9.19 -6.18 -22.05
N ILE B 257 -9.92 -6.38 -23.15
CA ILE B 257 -10.04 -7.70 -23.73
C ILE B 257 -8.66 -8.21 -24.15
N LYS B 258 -7.85 -7.33 -24.75
CA LYS B 258 -6.51 -7.73 -25.14
C LYS B 258 -5.72 -8.23 -23.93
N ASP B 259 -5.85 -7.57 -22.78
CA ASP B 259 -5.14 -8.04 -21.60
C ASP B 259 -5.74 -9.30 -21.02
N SER B 260 -6.94 -9.69 -21.43
CA SER B 260 -7.63 -10.82 -20.83
C SER B 260 -7.46 -12.13 -21.60
N VAL B 261 -7.09 -12.05 -22.88
CA VAL B 261 -7.17 -13.23 -23.76
C VAL B 261 -6.42 -14.41 -23.18
N PHE B 262 -5.22 -14.19 -22.69
CA PHE B 262 -4.42 -15.32 -22.23
C PHE B 262 -4.61 -15.66 -20.76
N TYR B 263 -5.56 -14.98 -20.09
CA TYR B 263 -6.07 -15.49 -18.82
C TYR B 263 -7.14 -16.54 -19.04
N LEU B 264 -7.86 -16.46 -20.15
CA LEU B 264 -8.88 -17.44 -20.49
C LEU B 264 -8.26 -18.84 -20.54
N PRO B 265 -9.03 -19.87 -20.19
CA PRO B 265 -8.68 -21.24 -20.58
C PRO B 265 -8.32 -21.31 -22.06
N PRO B 266 -7.33 -22.13 -22.43
CA PRO B 266 -6.87 -22.17 -23.83
C PRO B 266 -7.96 -22.41 -24.86
N GLU B 267 -8.93 -23.27 -24.54
CA GLU B 267 -10.06 -23.54 -25.44
C GLU B 267 -10.80 -22.28 -25.90
N LEU B 268 -10.82 -21.22 -25.10
CA LEU B 268 -11.58 -20.02 -25.46
C LEU B 268 -10.75 -19.00 -26.24
N ARG B 269 -9.44 -19.15 -26.32
CA ARG B 269 -8.57 -18.13 -26.90
C ARG B 269 -8.76 -17.95 -28.41
N PRO B 270 -8.88 -19.04 -29.21
CA PRO B 270 -9.12 -18.86 -30.66
C PRO B 270 -10.46 -18.19 -31.01
N ILE B 271 -11.56 -18.63 -30.40
CA ILE B 271 -12.84 -17.94 -30.60
C ILE B 271 -12.68 -16.45 -30.38
N CYS B 272 -12.06 -16.10 -29.24
CA CYS B 272 -11.90 -14.69 -28.89
C CYS B 272 -11.02 -13.96 -29.89
N VAL B 273 -9.87 -14.54 -30.25
CA VAL B 273 -8.97 -13.88 -31.18
C VAL B 273 -9.61 -13.72 -32.55
N ASP B 274 -10.21 -14.81 -33.06
CA ASP B 274 -10.98 -14.76 -34.31
C ASP B 274 -11.97 -13.61 -34.32
N SER B 275 -12.75 -13.49 -33.24
CA SER B 275 -13.86 -12.54 -33.25
C SER B 275 -13.35 -11.10 -33.21
N LEU B 276 -12.20 -10.87 -32.56
CA LEU B 276 -11.61 -9.54 -32.56
C LEU B 276 -11.20 -9.09 -33.95
N LEU B 277 -10.97 -10.01 -34.88
CA LEU B 277 -10.43 -9.71 -36.19
C LEU B 277 -11.46 -9.88 -37.30
N GLU B 278 -12.75 -9.80 -36.96
CA GLU B 278 -13.86 -10.07 -37.86
C GLU B 278 -15.00 -9.14 -37.52
N PRO B 279 -15.92 -8.90 -38.47
CA PRO B 279 -17.17 -8.21 -38.10
C PRO B 279 -18.01 -9.05 -37.16
N SER B 280 -18.72 -8.38 -36.26
CA SER B 280 -19.57 -9.08 -35.31
C SER B 280 -20.78 -9.74 -36.00
N VAL B 281 -21.49 -10.57 -35.24
CA VAL B 281 -22.69 -11.23 -35.74
C VAL B 281 -23.76 -10.20 -36.06
N ILE B 282 -23.99 -9.26 -35.14
CA ILE B 282 -25.04 -8.26 -35.34
C ILE B 282 -24.72 -7.37 -36.54
N ASN B 283 -23.47 -6.90 -36.63
CA ASN B 283 -23.07 -6.14 -37.81
C ASN B 283 -23.24 -6.96 -39.09
N GLN B 284 -22.87 -8.24 -39.05
CA GLN B 284 -23.07 -9.11 -40.20
C GLN B 284 -24.56 -9.27 -40.50
N LYS B 285 -25.39 -9.37 -39.45
CA LYS B 285 -26.83 -9.57 -39.63
C LYS B 285 -27.56 -8.28 -39.98
N PHE B 286 -27.05 -7.13 -39.56
CA PHE B 286 -27.61 -5.87 -40.04
C PHE B 286 -27.50 -5.80 -41.57
N ALA B 287 -26.32 -6.14 -42.09
CA ALA B 287 -26.10 -6.13 -43.53
C ALA B 287 -27.05 -7.05 -44.27
N GLU B 288 -27.27 -8.26 -43.73
CA GLU B 288 -28.15 -9.20 -44.39
C GLU B 288 -29.62 -8.78 -44.26
N PHE B 289 -30.00 -8.24 -43.09
CA PHE B 289 -31.38 -7.82 -42.87
C PHE B 289 -31.82 -6.78 -43.90
N GLY B 290 -30.93 -5.85 -44.25
CA GLY B 290 -31.26 -4.78 -45.18
C GLY B 290 -31.03 -5.12 -46.64
N SER B 291 -31.09 -6.40 -47.00
CA SER B 291 -30.91 -6.78 -48.39
C SER B 291 -31.49 -8.18 -48.69
N VAL B 292 -32.48 -8.62 -47.92
CA VAL B 292 -33.15 -9.88 -48.16
C VAL B 292 -34.64 -9.66 -47.96
N GLU B 293 -35.43 -10.65 -48.38
CA GLU B 293 -36.87 -10.56 -48.20
C GLU B 293 -37.21 -10.70 -46.73
N ILE B 294 -37.75 -9.64 -46.16
CA ILE B 294 -37.98 -9.55 -44.72
C ILE B 294 -39.29 -10.26 -44.38
N THR B 295 -39.20 -11.57 -44.12
CA THR B 295 -40.34 -12.39 -43.74
C THR B 295 -40.59 -12.33 -42.23
N ASP B 296 -41.61 -13.06 -41.79
CA ASP B 296 -41.89 -13.15 -40.36
C ASP B 296 -40.73 -13.79 -39.61
N GLN B 297 -40.12 -14.82 -40.20
CA GLN B 297 -39.03 -15.51 -39.53
C GLN B 297 -37.80 -14.61 -39.45
N VAL B 298 -37.56 -13.79 -40.47
CA VAL B 298 -36.42 -12.87 -40.43
C VAL B 298 -36.54 -11.89 -39.27
N ILE B 299 -37.76 -11.37 -39.05
CA ILE B 299 -37.97 -10.47 -37.93
C ILE B 299 -37.82 -11.21 -36.61
N LYS B 300 -38.40 -12.41 -36.51
CA LYS B 300 -38.23 -13.22 -35.31
C LYS B 300 -36.75 -13.44 -34.99
N GLY B 301 -35.97 -13.81 -35.99
CA GLY B 301 -34.54 -14.00 -35.78
C GLY B 301 -33.84 -12.72 -35.35
N MET B 302 -34.16 -11.61 -36.00
CA MET B 302 -33.53 -10.35 -35.60
C MET B 302 -33.98 -9.94 -34.20
N GLU B 303 -35.20 -10.30 -33.82
CA GLU B 303 -35.66 -10.00 -32.46
C GLU B 303 -34.97 -10.88 -31.43
N SER B 304 -34.53 -12.08 -31.84
CA SER B 304 -33.79 -12.92 -30.90
C SER B 304 -32.38 -12.39 -30.66
N LEU B 305 -31.80 -11.68 -31.64
CA LEU B 305 -30.54 -10.98 -31.36
C LEU B 305 -30.76 -9.90 -30.33
N LEU B 306 -31.90 -9.20 -30.40
CA LEU B 306 -32.21 -8.19 -29.41
C LEU B 306 -32.41 -8.81 -28.03
N SER B 307 -33.03 -9.99 -27.97
CA SER B 307 -33.27 -10.64 -26.69
C SER B 307 -31.97 -10.98 -25.97
N VAL B 308 -30.93 -11.39 -26.70
CA VAL B 308 -29.65 -11.68 -26.06
C VAL B 308 -29.03 -10.40 -25.53
N ILE B 309 -28.92 -9.38 -26.39
CA ILE B 309 -28.45 -8.09 -25.93
C ILE B 309 -29.18 -7.66 -24.68
N GLN B 310 -30.50 -7.85 -24.65
CA GLN B 310 -31.27 -7.38 -23.51
C GLN B 310 -31.02 -8.21 -22.27
N VAL B 311 -30.63 -9.48 -22.44
CA VAL B 311 -30.22 -10.23 -21.26
C VAL B 311 -28.89 -9.71 -20.73
N LEU B 312 -27.99 -9.24 -21.61
CA LEU B 312 -26.74 -8.68 -21.13
C LEU B 312 -26.98 -7.45 -20.26
N LEU B 313 -27.93 -6.60 -20.65
CA LEU B 313 -28.26 -5.42 -19.85
C LEU B 313 -28.78 -5.82 -18.48
N LYS B 314 -29.61 -6.86 -18.42
CA LYS B 314 -30.11 -7.31 -17.12
C LYS B 314 -28.98 -7.80 -16.21
N PHE B 315 -27.79 -8.04 -16.76
CA PHE B 315 -26.62 -8.27 -15.94
C PHE B 315 -25.90 -6.96 -15.62
N ARG B 316 -25.69 -6.11 -16.62
CA ARG B 316 -24.77 -5.00 -16.42
C ARG B 316 -25.37 -3.87 -15.58
N LYS B 317 -26.68 -3.60 -15.71
CA LYS B 317 -27.29 -2.55 -14.90
C LYS B 317 -27.19 -2.85 -13.42
N PRO B 318 -27.62 -4.00 -12.92
CA PRO B 318 -27.48 -4.24 -11.48
C PRO B 318 -26.03 -4.33 -11.05
N HIS B 319 -25.14 -4.88 -11.89
CA HIS B 319 -23.71 -4.93 -11.58
C HIS B 319 -23.15 -3.52 -11.41
N PHE B 320 -23.46 -2.62 -12.34
CA PHE B 320 -23.07 -1.23 -12.20
C PHE B 320 -23.56 -0.65 -10.88
N GLN B 321 -24.83 -0.92 -10.51
CA GLN B 321 -25.36 -0.42 -9.25
C GLN B 321 -24.59 -0.98 -8.07
N LEU B 322 -24.30 -2.28 -8.11
CA LEU B 322 -23.55 -2.93 -7.05
C LEU B 322 -22.13 -2.38 -6.95
N ALA B 323 -21.46 -2.20 -8.08
CA ALA B 323 -20.12 -1.63 -8.06
C ALA B 323 -20.14 -0.20 -7.55
N GLN B 324 -21.18 0.54 -7.90
CA GLN B 324 -21.28 1.92 -7.44
C GLN B 324 -21.45 1.98 -5.93
N ARG B 325 -22.30 1.11 -5.36
CA ARG B 325 -22.49 1.13 -3.92
C ARG B 325 -21.23 0.72 -3.18
N THR B 326 -20.40 -0.14 -3.79
CA THR B 326 -19.19 -0.65 -3.15
C THR B 326 -18.03 0.35 -3.20
N LEU B 327 -17.98 1.19 -4.25
CA LEU B 327 -16.91 2.17 -4.40
C LEU B 327 -17.26 3.55 -3.88
N SER B 328 -18.43 3.73 -3.28
CA SER B 328 -18.76 4.99 -2.61
C SER B 328 -17.78 5.26 -1.48
N LYS B 329 -17.50 6.54 -1.24
CA LYS B 329 -16.57 6.91 -0.15
C LYS B 329 -16.93 6.21 1.15
N GLU B 330 -18.23 6.02 1.41
CA GLU B 330 -18.62 5.28 2.60
C GLU B 330 -18.09 3.85 2.56
N ASN B 331 -18.19 3.19 1.41
CA ASN B 331 -18.03 1.74 1.39
C ASN B 331 -16.70 1.25 0.84
N ARG B 332 -15.96 2.08 0.11
CA ARG B 332 -14.89 1.64 -0.77
C ARG B 332 -13.62 1.18 -0.05
N GLY B 333 -13.47 1.48 1.25
CA GLY B 333 -12.29 1.04 1.98
C GLY B 333 -11.01 1.63 1.41
N ASN B 334 -10.00 0.77 1.25
CA ASN B 334 -8.70 1.16 0.74
C ASN B 334 -8.56 1.03 -0.76
N TYR B 335 -9.66 0.91 -1.50
CA TYR B 335 -9.62 0.59 -2.93
C TYR B 335 -10.51 1.55 -3.70
N THR B 336 -10.11 1.86 -4.93
CA THR B 336 -10.95 2.59 -5.86
C THR B 336 -11.14 1.85 -7.18
N THR B 337 -10.70 0.59 -7.25
CA THR B 337 -10.66 -0.14 -8.51
C THR B 337 -11.02 -1.59 -8.28
N GLY B 338 -11.38 -2.27 -9.38
CA GLY B 338 -11.45 -3.71 -9.36
C GLY B 338 -10.08 -4.36 -9.51
N SER B 339 -10.08 -5.68 -9.50
CA SER B 339 -8.85 -6.44 -9.62
C SER B 339 -8.05 -6.09 -10.88
N ALA B 340 -8.72 -5.67 -11.95
CA ALA B 340 -8.03 -5.35 -13.18
C ALA B 340 -7.60 -3.90 -13.26
N GLY B 341 -7.91 -3.09 -12.25
CA GLY B 341 -7.40 -1.74 -12.17
C GLY B 341 -8.31 -0.65 -12.70
N TYR B 342 -9.56 -0.94 -13.00
CA TYR B 342 -10.50 0.06 -13.51
C TYR B 342 -11.46 0.49 -12.41
N THR B 343 -12.07 1.67 -12.62
CA THR B 343 -13.13 2.13 -11.75
C THR B 343 -14.47 1.85 -12.42
N ASN B 344 -15.55 2.25 -11.74
CA ASN B 344 -16.89 2.02 -12.29
C ASN B 344 -17.13 2.82 -13.56
N SER B 345 -16.29 3.82 -13.84
CA SER B 345 -16.23 4.42 -15.16
C SER B 345 -16.16 3.36 -16.26
N PHE B 346 -15.40 2.29 -16.04
CA PHE B 346 -15.24 1.24 -17.04
C PHE B 346 -16.54 0.46 -17.24
N ASN B 347 -17.16 0.01 -16.14
CA ASN B 347 -18.44 -0.65 -16.27
C ASN B 347 -19.45 0.25 -16.95
N HIS B 348 -19.35 1.56 -16.72
CA HIS B 348 -20.31 2.47 -17.33
C HIS B 348 -20.15 2.47 -18.84
N MET B 349 -18.91 2.49 -19.34
CA MET B 349 -18.74 2.58 -20.78
C MET B 349 -19.15 1.28 -21.48
N VAL B 350 -18.88 0.12 -20.87
CA VAL B 350 -19.36 -1.15 -21.40
C VAL B 350 -20.89 -1.18 -21.43
N LEU B 351 -21.52 -0.70 -20.35
CA LEU B 351 -22.98 -0.63 -20.32
C LEU B 351 -23.52 0.26 -21.44
N GLU B 352 -22.92 1.43 -21.63
CA GLU B 352 -23.36 2.33 -22.70
C GLU B 352 -23.21 1.70 -24.08
N PHE B 353 -22.08 1.03 -24.33
CA PHE B 353 -21.92 0.25 -25.56
C PHE B 353 -23.09 -0.70 -25.76
N THR B 354 -23.46 -1.42 -24.70
CA THR B 354 -24.51 -2.43 -24.80
C THR B 354 -25.89 -1.78 -24.98
N ILE B 355 -26.13 -0.66 -24.30
CA ILE B 355 -27.37 0.08 -24.50
C ILE B 355 -27.46 0.57 -25.94
N GLU B 356 -26.34 1.02 -26.49
CA GLU B 356 -26.38 1.51 -27.87
C GLU B 356 -26.59 0.37 -28.88
N VAL B 357 -26.15 -0.84 -28.57
CA VAL B 357 -26.47 -1.95 -29.47
C VAL B 357 -27.98 -2.22 -29.42
N GLU B 358 -28.57 -2.07 -28.24
CA GLU B 358 -30.01 -2.25 -28.11
C GLU B 358 -30.76 -1.16 -28.87
N LYS B 359 -30.23 0.05 -28.90
CA LYS B 359 -30.87 1.12 -29.64
C LYS B 359 -30.89 0.80 -31.13
N GLN B 360 -29.72 0.46 -31.69
CA GLN B 360 -29.63 0.23 -33.14
C GLN B 360 -30.52 -0.91 -33.59
N ILE B 361 -30.65 -1.96 -32.77
CA ILE B 361 -31.47 -3.10 -33.15
C ILE B 361 -32.95 -2.69 -33.18
N ARG B 362 -33.41 -1.99 -32.14
CA ARG B 362 -34.79 -1.49 -32.13
C ARG B 362 -35.05 -0.53 -33.28
N ALA B 363 -34.02 0.24 -33.66
CA ALA B 363 -34.13 1.14 -34.81
C ALA B 363 -34.35 0.37 -36.10
N VAL B 364 -33.60 -0.71 -36.31
CA VAL B 364 -33.70 -1.52 -37.51
C VAL B 364 -34.98 -2.35 -37.52
N LEU B 365 -35.52 -2.64 -36.34
CA LEU B 365 -36.79 -3.34 -36.27
C LEU B 365 -37.99 -2.40 -36.38
N ALA B 366 -37.78 -1.07 -36.22
CA ALA B 366 -38.88 -0.11 -36.06
C ALA B 366 -39.95 -0.21 -37.14
N PRO B 367 -39.64 -0.18 -38.44
CA PRO B 367 -40.71 -0.20 -39.45
C PRO B 367 -41.48 -1.52 -39.50
N TYR B 368 -41.44 -2.31 -38.42
CA TYR B 368 -42.08 -3.63 -38.42
C TYR B 368 -42.61 -3.95 -37.03
#